data_5J37
#
_entry.id   5J37
#
_cell.length_a   377.280
_cell.length_b   377.280
_cell.length_c   377.280
_cell.angle_alpha   90.00
_cell.angle_beta   90.00
_cell.angle_gamma   90.00
#
_symmetry.space_group_name_H-M   'F 4 3 2'
#
loop_
_entity.id
_entity.type
_entity.pdbx_description
1 polymer 'Beak and feather disease virus capsid protein'
2 polymer 'single stranded DNA'
3 non-polymer 'PHOSPHATE ION'
4 water water
#
loop_
_entity_poly.entity_id
_entity_poly.type
_entity_poly.pdbx_seq_one_letter_code
_entity_poly.pdbx_strand_id
1 'polypeptide(L)'
;MHHHHHHSSGVDLGTENLYFQSNARRRYARPYRRRHIRRYRRRRRHFRRRRFSTNRIYTLRLTRQFQFKINKQTTSVGNL
IFNADYITFALDDFLQAVPNPHTLNFEDYRIKLAKMEMRPTGGHYTVQSDGFGHTAVIQDSRITRFKTTADQTQDPLAPF
DGAKKWFVSRGFKRLLRPKPQITIEDLTTANQSAALWLNSARTGWIPLQGGPNSAGTKVRHYGIAFSFPQPEQTITYVTK
LTLYVQFRQFAPNNPST
;
E,A,B,C,D
2 'polydeoxyribonucleotide'
;(DC)(DG)(DC)(DG)(DG)(DT)(DG)(DA)(DC)(DC)(DG)(DT)(DC)(DT)(DC)(DT)(DC)(DG)(DC)(DC)
(DA)(DC)(DA)(DA)(DT)(DG)(DC)(DC)(DC)(DA)
;
F,G,H,I,J
#
loop_
_chem_comp.id
_chem_comp.type
_chem_comp.name
_chem_comp.formula
DA DNA linking 2'-DEOXYADENOSINE-5'-MONOPHOSPHATE 'C10 H14 N5 O6 P'
DC DNA linking 2'-DEOXYCYTIDINE-5'-MONOPHOSPHATE 'C9 H14 N3 O7 P'
DG DNA linking 2'-DEOXYGUANOSINE-5'-MONOPHOSPHATE 'C10 H14 N5 O7 P'
DT DNA linking THYMIDINE-5'-MONOPHOSPHATE 'C10 H15 N2 O8 P'
PO4 non-polymer 'PHOSPHATE ION' 'O4 P -3'
#
# COMPACT_ATOMS: atom_id res chain seq x y z
N PHE A 52 -30.11 1.56 40.43
CA PHE A 52 -30.94 0.57 39.75
C PHE A 52 -32.38 1.05 39.67
N SER A 53 -32.56 2.18 38.99
CA SER A 53 -33.85 2.83 38.89
C SER A 53 -34.59 2.39 37.63
N THR A 54 -35.83 2.86 37.49
CA THR A 54 -36.64 2.53 36.32
C THR A 54 -35.92 2.88 35.03
N ASN A 55 -35.16 3.97 35.02
CA ASN A 55 -34.54 4.48 33.81
C ASN A 55 -33.09 4.03 33.66
N ARG A 56 -32.68 2.98 34.36
CA ARG A 56 -31.31 2.48 34.24
C ARG A 56 -31.07 1.95 32.83
N ILE A 57 -29.93 2.32 32.25
CA ILE A 57 -29.63 2.03 30.85
C ILE A 57 -28.44 1.08 30.77
N TYR A 58 -28.50 0.22 29.76
CA TYR A 58 -27.42 -0.72 29.43
C TYR A 58 -27.18 -0.63 27.92
N THR A 59 -25.93 -0.81 27.51
CA THR A 59 -25.56 -0.75 26.10
C THR A 59 -24.89 -2.04 25.68
N LEU A 60 -25.36 -2.61 24.58
CA LEU A 60 -24.79 -3.83 24.01
C LEU A 60 -24.41 -3.61 22.56
N ARG A 61 -23.40 -4.36 22.12
CA ARG A 61 -23.03 -4.46 20.72
C ARG A 61 -23.50 -5.82 20.21
N LEU A 62 -24.18 -5.82 19.06
CA LEU A 62 -24.75 -7.04 18.50
C LEU A 62 -24.35 -7.13 17.03
N THR A 63 -24.13 -8.36 16.55
CA THR A 63 -23.63 -8.56 15.20
C THR A 63 -24.25 -9.80 14.57
N ARG A 64 -24.32 -9.78 13.24
CA ARG A 64 -24.65 -10.96 12.45
C ARG A 64 -23.94 -10.84 11.11
N GLN A 65 -23.89 -11.96 10.39
CA GLN A 65 -23.21 -11.99 9.09
C GLN A 65 -24.01 -12.80 8.10
N PHE A 66 -23.72 -12.59 6.82
CA PHE A 66 -24.35 -13.35 5.76
C PHE A 66 -23.55 -13.12 4.48
N GLN A 67 -23.83 -13.96 3.48
CA GLN A 67 -23.15 -13.90 2.19
C GLN A 67 -23.95 -13.04 1.23
N PHE A 68 -23.24 -12.30 0.39
CA PHE A 68 -23.86 -11.54 -0.69
C PHE A 68 -23.09 -11.80 -1.98
N LYS A 69 -23.83 -11.92 -3.08
CA LYS A 69 -23.25 -12.18 -4.39
C LYS A 69 -23.62 -11.07 -5.35
N ILE A 70 -22.63 -10.59 -6.10
CA ILE A 70 -22.86 -9.78 -7.29
C ILE A 70 -22.60 -10.67 -8.49
N ASN A 71 -23.61 -10.80 -9.35
CA ASN A 71 -23.57 -11.81 -10.39
C ASN A 71 -22.81 -11.32 -11.62
N LYS A 72 -22.19 -12.28 -12.30
CA LYS A 72 -21.61 -12.02 -13.62
C LYS A 72 -22.65 -11.37 -14.52
N GLN A 73 -22.23 -10.33 -15.24
CA GLN A 73 -23.11 -9.68 -16.19
C GLN A 73 -23.42 -10.63 -17.34
N THR A 74 -24.70 -10.98 -17.50
CA THR A 74 -25.17 -11.78 -18.60
C THR A 74 -26.19 -11.06 -19.46
N THR A 75 -26.49 -9.80 -19.16
CA THR A 75 -27.42 -8.99 -19.92
C THR A 75 -26.70 -7.75 -20.45
N SER A 76 -27.11 -7.33 -21.64
CA SER A 76 -26.52 -6.16 -22.28
C SER A 76 -24.99 -6.21 -22.22
N VAL A 77 -24.43 -7.39 -22.48
CA VAL A 77 -22.98 -7.58 -22.36
C VAL A 77 -22.28 -6.63 -23.32
N GLY A 78 -21.27 -5.92 -22.81
CA GLY A 78 -20.60 -4.88 -23.53
C GLY A 78 -21.01 -3.48 -23.11
N ASN A 79 -22.14 -3.34 -22.42
CA ASN A 79 -22.61 -2.07 -21.91
C ASN A 79 -22.34 -1.96 -20.41
N LEU A 80 -22.14 -0.73 -19.96
CA LEU A 80 -22.05 -0.45 -18.53
C LEU A 80 -23.45 -0.40 -17.95
N ILE A 81 -23.73 -1.26 -16.98
CA ILE A 81 -25.01 -1.27 -16.28
C ILE A 81 -24.74 -1.29 -14.78
N PHE A 82 -25.75 -0.89 -14.02
CA PHE A 82 -25.68 -0.85 -12.57
C PHE A 82 -26.88 -1.56 -11.97
N ASN A 83 -26.67 -2.11 -10.78
CA ASN A 83 -27.76 -2.60 -9.95
C ASN A 83 -27.46 -2.21 -8.51
N ALA A 84 -28.44 -2.45 -7.63
CA ALA A 84 -28.31 -2.04 -6.25
C ALA A 84 -29.13 -2.97 -5.36
N ASP A 85 -28.76 -2.98 -4.09
CA ASP A 85 -29.49 -3.71 -3.06
C ASP A 85 -29.41 -2.87 -1.79
N TYR A 86 -30.03 -3.36 -0.71
CA TYR A 86 -30.10 -2.57 0.51
C TYR A 86 -30.19 -3.49 1.72
N ILE A 87 -29.99 -2.88 2.89
CA ILE A 87 -30.07 -3.56 4.17
C ILE A 87 -30.87 -2.69 5.14
N THR A 88 -31.72 -3.33 5.93
CA THR A 88 -32.40 -2.69 7.04
C THR A 88 -32.03 -3.41 8.33
N PHE A 89 -32.34 -2.78 9.46
CA PHE A 89 -31.89 -3.27 10.76
C PHE A 89 -33.08 -3.43 11.70
N ALA A 90 -33.23 -4.62 12.26
CA ALA A 90 -34.20 -4.88 13.31
C ALA A 90 -33.53 -5.71 14.40
N LEU A 91 -33.81 -5.34 15.65
CA LEU A 91 -33.20 -6.04 16.77
C LEU A 91 -33.41 -7.55 16.67
N ASP A 92 -34.61 -7.96 16.26
CA ASP A 92 -34.92 -9.40 16.21
C ASP A 92 -34.04 -10.12 15.20
N ASP A 93 -33.66 -9.46 14.10
CA ASP A 93 -32.75 -10.08 13.14
C ASP A 93 -31.46 -10.54 13.83
N PHE A 94 -31.01 -9.81 14.83
CA PHE A 94 -29.76 -10.11 15.52
C PHE A 94 -29.96 -11.09 16.67
N LEU A 95 -31.04 -10.93 17.44
CA LEU A 95 -31.28 -11.86 18.54
C LEU A 95 -31.55 -13.27 18.05
N GLN A 96 -32.07 -13.42 16.83
CA GLN A 96 -32.33 -14.75 16.28
C GLN A 96 -31.09 -15.40 15.67
N ALA A 97 -30.01 -14.64 15.48
CA ALA A 97 -28.78 -15.25 14.99
C ALA A 97 -28.27 -16.29 15.98
N VAL A 98 -27.77 -17.40 15.44
CA VAL A 98 -27.46 -18.57 16.27
C VAL A 98 -26.65 -18.22 17.51
N PRO A 99 -25.52 -17.51 17.42
CA PRO A 99 -24.66 -17.34 18.60
C PRO A 99 -25.07 -16.23 19.55
N ASN A 100 -26.18 -15.55 19.31
CA ASN A 100 -26.59 -14.43 20.14
C ASN A 100 -27.66 -14.86 21.13
N PRO A 101 -27.83 -14.11 22.23
CA PRO A 101 -28.97 -14.37 23.11
C PRO A 101 -30.27 -14.13 22.37
N HIS A 102 -31.16 -15.12 22.41
CA HIS A 102 -32.38 -15.06 21.62
C HIS A 102 -33.49 -14.27 22.31
N THR A 103 -33.37 -14.04 23.62
CA THR A 103 -34.23 -13.10 24.33
C THR A 103 -33.38 -12.26 25.27
N LEU A 104 -33.83 -11.05 25.53
CA LEU A 104 -33.17 -10.13 26.44
C LEU A 104 -34.15 -9.69 27.51
N ASN A 105 -33.66 -9.58 28.74
CA ASN A 105 -34.50 -9.21 29.88
C ASN A 105 -34.42 -7.71 30.15
N PHE A 106 -34.85 -6.93 29.16
CA PHE A 106 -34.97 -5.49 29.28
C PHE A 106 -36.34 -5.06 28.79
N GLU A 107 -36.81 -3.92 29.29
CA GLU A 107 -38.15 -3.45 28.96
C GLU A 107 -38.19 -2.65 27.67
N ASP A 108 -37.19 -1.81 27.41
CA ASP A 108 -37.17 -0.95 26.24
C ASP A 108 -35.78 -0.98 25.61
N TYR A 109 -35.71 -0.50 24.37
CA TYR A 109 -34.45 -0.40 23.66
C TYR A 109 -34.53 0.74 22.66
N ARG A 110 -33.36 1.17 22.18
CA ARG A 110 -33.25 2.08 21.07
C ARG A 110 -31.92 1.85 20.39
N ILE A 111 -31.91 1.93 19.07
CA ILE A 111 -30.70 1.70 18.29
C ILE A 111 -30.02 3.03 18.06
N LYS A 112 -28.81 3.18 18.63
CA LYS A 112 -28.07 4.42 18.51
C LYS A 112 -27.26 4.46 17.22
N LEU A 113 -26.82 3.31 16.73
CA LEU A 113 -25.85 3.27 15.65
C LEU A 113 -25.86 1.89 15.02
N ALA A 114 -25.72 1.86 13.70
CA ALA A 114 -25.57 0.61 12.96
C ALA A 114 -24.36 0.71 12.06
N LYS A 115 -23.83 -0.45 11.71
CA LYS A 115 -22.63 -0.54 10.88
C LYS A 115 -22.81 -1.67 9.88
N MET A 116 -22.43 -1.42 8.64
CA MET A 116 -22.40 -2.44 7.60
C MET A 116 -20.99 -2.51 7.03
N GLU A 117 -20.43 -3.72 7.00
CA GLU A 117 -19.16 -3.95 6.35
C GLU A 117 -19.30 -5.14 5.41
N MET A 118 -18.96 -4.94 4.15
CA MET A 118 -19.04 -5.98 3.13
C MET A 118 -17.67 -6.10 2.49
N ARG A 119 -17.08 -7.30 2.54
CA ARG A 119 -15.75 -7.51 2.00
C ARG A 119 -15.74 -8.75 1.11
N PRO A 120 -14.97 -8.74 0.03
CA PRO A 120 -15.00 -9.87 -0.90
C PRO A 120 -14.39 -11.14 -0.31
N THR A 121 -14.83 -12.27 -0.85
CA THR A 121 -14.26 -13.57 -0.50
C THR A 121 -14.20 -14.39 -1.77
N GLY A 122 -14.14 -15.72 -1.62
CA GLY A 122 -14.14 -16.60 -2.77
C GLY A 122 -12.92 -16.49 -3.65
N GLY A 123 -11.83 -15.94 -3.13
CA GLY A 123 -10.60 -15.85 -3.89
C GLY A 123 -10.48 -14.64 -4.80
N HIS A 124 -11.41 -13.70 -4.72
CA HIS A 124 -11.39 -12.54 -5.60
C HIS A 124 -10.19 -11.65 -5.28
N TYR A 125 -9.54 -11.16 -6.34
CA TYR A 125 -8.35 -10.32 -6.18
C TYR A 125 -8.75 -8.88 -5.90
N THR A 126 -8.22 -8.32 -4.81
CA THR A 126 -8.45 -6.91 -4.52
C THR A 126 -7.77 -5.99 -5.53
N VAL A 127 -6.72 -6.47 -6.19
CA VAL A 127 -6.04 -5.69 -7.22
C VAL A 127 -6.68 -5.85 -8.59
N GLN A 128 -7.75 -6.63 -8.70
CA GLN A 128 -8.50 -6.79 -9.94
C GLN A 128 -9.64 -5.77 -9.93
N SER A 129 -9.50 -4.69 -10.67
CA SER A 129 -10.45 -3.59 -10.60
C SER A 129 -11.72 -3.94 -11.35
N ASP A 130 -12.86 -3.67 -10.72
CA ASP A 130 -14.17 -3.84 -11.33
C ASP A 130 -15.02 -2.58 -11.13
N GLY A 131 -14.37 -1.43 -11.20
CA GLY A 131 -15.08 -0.17 -11.11
C GLY A 131 -15.53 0.14 -9.70
N PHE A 132 -16.46 1.09 -9.62
CA PHE A 132 -16.94 1.58 -8.33
C PHE A 132 -18.44 1.88 -8.41
N GLY A 133 -19.13 1.58 -7.32
CA GLY A 133 -20.51 2.00 -7.14
C GLY A 133 -20.59 2.96 -5.97
N HIS A 134 -21.74 3.05 -5.33
CA HIS A 134 -21.91 3.99 -4.22
C HIS A 134 -22.74 3.34 -3.12
N THR A 135 -22.57 3.85 -1.91
CA THR A 135 -23.46 3.56 -0.80
C THR A 135 -24.25 4.81 -0.47
N ALA A 136 -25.45 4.62 0.06
CA ALA A 136 -26.31 5.74 0.42
C ALA A 136 -27.11 5.36 1.66
N VAL A 137 -27.29 6.33 2.54
CA VAL A 137 -28.11 6.16 3.73
C VAL A 137 -29.52 6.61 3.38
N ILE A 138 -30.47 5.69 3.41
CA ILE A 138 -31.86 5.95 3.05
C ILE A 138 -32.69 5.50 4.24
N GLN A 139 -33.22 6.46 4.99
CA GLN A 139 -33.79 6.21 6.30
C GLN A 139 -35.31 6.15 6.27
N ASP A 140 -35.88 5.59 5.21
CA ASP A 140 -37.33 5.38 5.12
C ASP A 140 -37.58 4.23 4.15
N SER A 141 -38.83 3.79 4.12
CA SER A 141 -39.19 2.58 3.37
C SER A 141 -39.05 2.76 1.86
N ARG A 142 -38.80 3.97 1.37
CA ARG A 142 -38.50 4.14 -0.05
C ARG A 142 -37.31 3.29 -0.47
N ILE A 143 -36.45 2.90 0.47
CA ILE A 143 -35.25 2.13 0.15
C ILE A 143 -35.59 0.83 -0.56
N THR A 144 -36.80 0.30 -0.37
CA THR A 144 -37.15 -0.99 -0.97
C THR A 144 -37.10 -0.91 -2.50
N ARG A 145 -37.31 0.27 -3.07
CA ARG A 145 -37.21 0.42 -4.51
C ARG A 145 -35.78 0.27 -5.02
N PHE A 146 -34.78 0.38 -4.15
CA PHE A 146 -33.39 0.38 -4.57
C PHE A 146 -32.74 -0.99 -4.48
N LYS A 147 -33.52 -2.04 -4.23
CA LYS A 147 -33.18 -3.37 -4.73
C LYS A 147 -33.71 -3.41 -6.16
N THR A 148 -32.82 -3.18 -7.12
CA THR A 148 -33.26 -3.01 -8.50
C THR A 148 -33.74 -4.33 -9.08
N THR A 149 -34.85 -4.27 -9.82
CA THR A 149 -35.41 -5.41 -10.51
C THR A 149 -35.14 -5.35 -12.02
N ALA A 150 -34.53 -4.27 -12.50
CA ALA A 150 -34.07 -4.16 -13.87
C ALA A 150 -32.72 -3.47 -13.87
N ASP A 151 -31.95 -3.70 -14.92
CA ASP A 151 -30.64 -3.08 -15.04
C ASP A 151 -30.79 -1.56 -15.22
N GLN A 152 -29.92 -0.81 -14.57
CA GLN A 152 -29.91 0.64 -14.65
C GLN A 152 -28.77 1.09 -15.55
N THR A 153 -29.02 2.12 -16.36
CA THR A 153 -27.98 2.66 -17.22
C THR A 153 -27.10 3.66 -16.49
N GLN A 154 -27.53 4.15 -15.32
CA GLN A 154 -26.71 5.01 -14.48
C GLN A 154 -26.67 4.42 -13.07
N ASP A 155 -25.66 4.85 -12.31
CA ASP A 155 -25.57 4.47 -10.91
C ASP A 155 -26.82 4.98 -10.20
N PRO A 156 -27.68 4.09 -9.68
CA PRO A 156 -28.96 4.57 -9.13
C PRO A 156 -28.83 5.31 -7.80
N LEU A 157 -27.69 5.22 -7.11
CA LEU A 157 -27.54 5.85 -5.81
C LEU A 157 -26.63 7.08 -5.81
N ALA A 158 -25.78 7.24 -6.82
CA ALA A 158 -24.78 8.29 -6.84
C ALA A 158 -25.36 9.68 -6.63
N PRO A 159 -26.57 9.99 -7.13
CA PRO A 159 -27.09 11.36 -6.95
C PRO A 159 -27.47 11.71 -5.52
N PHE A 160 -27.66 10.73 -4.64
CA PHE A 160 -28.03 11.02 -3.25
C PHE A 160 -27.02 11.94 -2.59
N ASP A 161 -27.51 12.94 -1.86
CA ASP A 161 -26.68 13.59 -0.86
C ASP A 161 -26.21 12.54 0.14
N GLY A 162 -24.91 12.54 0.44
CA GLY A 162 -24.33 11.53 1.30
C GLY A 162 -23.84 10.30 0.56
N ALA A 163 -24.14 10.18 -0.73
CA ALA A 163 -23.62 9.05 -1.51
C ALA A 163 -22.10 9.01 -1.42
N LYS A 164 -21.56 7.81 -1.19
CA LYS A 164 -20.13 7.63 -1.05
C LYS A 164 -19.66 6.51 -1.96
N LYS A 165 -18.59 6.78 -2.70
CA LYS A 165 -18.02 5.82 -3.63
C LYS A 165 -17.43 4.63 -2.89
N TRP A 166 -17.52 3.45 -3.50
CA TRP A 166 -16.81 2.27 -3.03
C TRP A 166 -16.40 1.43 -4.23
N PHE A 167 -15.26 0.77 -4.11
CA PHE A 167 -14.72 -0.04 -5.19
C PHE A 167 -15.19 -1.48 -5.06
N VAL A 168 -15.75 -2.01 -6.15
CA VAL A 168 -16.35 -3.34 -6.15
C VAL A 168 -15.39 -4.38 -5.60
N SER A 169 -14.10 -4.23 -5.90
CA SER A 169 -13.13 -5.25 -5.54
C SER A 169 -12.63 -5.17 -4.11
N ARG A 170 -12.94 -4.08 -3.39
CA ARG A 170 -12.51 -3.94 -2.00
C ARG A 170 -13.66 -3.98 -1.01
N GLY A 171 -14.90 -3.79 -1.46
CA GLY A 171 -16.02 -3.72 -0.54
C GLY A 171 -16.09 -2.34 0.10
N PHE A 172 -16.82 -2.27 1.21
CA PHE A 172 -16.99 -1.00 1.88
C PHE A 172 -17.32 -1.23 3.34
N LYS A 173 -17.27 -0.13 4.11
CA LYS A 173 -17.65 -0.09 5.50
C LYS A 173 -18.33 1.25 5.74
N ARG A 174 -19.48 1.24 6.39
CA ARG A 174 -20.19 2.50 6.64
C ARG A 174 -21.03 2.40 7.90
N LEU A 175 -21.04 3.47 8.68
CA LEU A 175 -21.85 3.60 9.86
C LEU A 175 -23.00 4.58 9.59
N LEU A 176 -24.09 4.40 10.32
CA LEU A 176 -25.27 5.22 10.09
C LEU A 176 -26.14 5.18 11.34
N ARG A 177 -27.13 6.08 11.36
CA ARG A 177 -28.14 6.14 12.42
C ARG A 177 -29.47 5.69 11.83
N PRO A 178 -29.82 4.41 11.92
CA PRO A 178 -31.05 3.94 11.27
C PRO A 178 -32.28 4.36 12.07
N LYS A 179 -33.38 4.57 11.34
CA LYS A 179 -34.55 5.23 11.89
C LYS A 179 -35.75 4.30 11.89
N PRO A 180 -36.48 4.18 13.00
CA PRO A 180 -37.80 3.52 12.95
C PRO A 180 -38.86 4.50 12.47
N GLN A 181 -39.94 3.93 11.91
CA GLN A 181 -40.93 4.70 11.18
C GLN A 181 -42.21 4.80 11.99
N ILE A 182 -42.54 6.01 12.44
CA ILE A 182 -43.76 6.29 13.18
C ILE A 182 -44.91 6.48 12.20
N THR A 183 -46.10 6.04 12.58
CA THR A 183 -47.24 6.02 11.68
C THR A 183 -48.04 7.32 11.73
N ILE A 184 -48.40 7.81 10.55
CA ILE A 184 -49.38 8.88 10.38
C ILE A 184 -50.50 8.35 9.51
N GLU A 185 -51.74 8.42 10.00
CA GLU A 185 -52.89 7.93 9.26
C GLU A 185 -53.78 9.04 8.73
N ASP A 186 -53.44 10.30 8.97
CA ASP A 186 -54.29 11.43 8.56
C ASP A 186 -53.68 12.07 7.33
N LEU A 187 -54.08 11.59 6.16
CA LEU A 187 -53.62 12.08 4.88
C LEU A 187 -54.81 12.65 4.11
N THR A 188 -54.51 13.40 3.04
CA THR A 188 -55.57 13.97 2.23
C THR A 188 -56.31 12.90 1.42
N THR A 189 -55.72 11.73 1.24
CA THR A 189 -56.41 10.59 0.64
C THR A 189 -56.87 9.65 1.75
N ALA A 190 -58.15 9.32 1.74
CA ALA A 190 -58.73 8.53 2.82
C ALA A 190 -58.11 7.14 2.87
N ASN A 191 -57.95 6.63 4.09
CA ASN A 191 -57.53 5.25 4.35
C ASN A 191 -56.10 4.97 3.92
N GLN A 192 -55.30 5.99 3.66
CA GLN A 192 -53.88 5.82 3.41
C GLN A 192 -53.10 6.34 4.62
N SER A 193 -51.85 5.89 4.71
CA SER A 193 -50.99 6.25 5.84
C SER A 193 -49.60 6.58 5.33
N ALA A 194 -48.83 7.23 6.19
CA ALA A 194 -47.46 7.63 5.85
C ALA A 194 -46.62 7.53 7.11
N ALA A 195 -45.37 7.99 7.02
CA ALA A 195 -44.38 7.79 8.07
C ALA A 195 -43.76 9.11 8.50
N LEU A 196 -43.20 9.08 9.71
CA LEU A 196 -42.39 10.15 10.26
C LEU A 196 -41.33 9.50 11.13
N TRP A 197 -40.11 10.04 11.12
CA TRP A 197 -39.08 9.55 12.03
C TRP A 197 -38.43 10.71 12.78
N LEU A 198 -37.85 10.36 13.92
CA LEU A 198 -37.35 11.33 14.88
C LEU A 198 -35.86 11.58 14.65
N ASN A 199 -35.48 12.86 14.74
CA ASN A 199 -34.11 13.26 14.40
C ASN A 199 -33.11 12.66 15.37
N SER A 200 -33.46 12.51 16.64
CA SER A 200 -32.54 12.02 17.65
C SER A 200 -33.05 10.72 18.25
N ALA A 201 -32.14 9.75 18.43
CA ALA A 201 -32.47 8.51 19.10
C ALA A 201 -32.81 8.74 20.58
N ARG A 202 -32.31 9.81 21.19
CA ARG A 202 -32.59 10.08 22.59
C ARG A 202 -34.03 10.53 22.84
N THR A 203 -34.83 10.72 21.79
CA THR A 203 -36.18 11.26 21.97
C THR A 203 -37.17 10.20 22.45
N GLY A 204 -37.00 8.94 22.05
CA GLY A 204 -37.99 7.92 22.33
C GLY A 204 -37.37 6.59 22.72
N TRP A 205 -38.23 5.70 23.20
CA TRP A 205 -37.89 4.33 23.55
C TRP A 205 -38.88 3.39 22.87
N ILE A 206 -38.41 2.19 22.54
CA ILE A 206 -39.25 1.16 21.95
C ILE A 206 -39.38 0.02 22.97
N PRO A 207 -40.56 -0.24 23.51
CA PRO A 207 -40.72 -1.42 24.38
C PRO A 207 -40.55 -2.71 23.59
N LEU A 208 -39.73 -3.61 24.11
CA LEU A 208 -39.48 -4.88 23.41
C LEU A 208 -40.77 -5.67 23.23
N GLN A 209 -41.68 -5.59 24.20
CA GLN A 209 -42.92 -6.38 24.19
C GLN A 209 -44.15 -5.50 24.12
N GLY A 210 -44.01 -4.24 23.76
CA GLY A 210 -45.15 -3.37 23.63
C GLY A 210 -45.95 -3.62 22.38
N GLY A 211 -47.19 -3.13 22.37
CA GLY A 211 -48.05 -3.25 21.23
C GLY A 211 -48.88 -4.53 21.26
N PRO A 212 -49.88 -4.61 20.39
CA PRO A 212 -50.80 -5.76 20.42
C PRO A 212 -50.16 -7.09 20.03
N ASN A 213 -48.97 -7.08 19.42
CA ASN A 213 -48.31 -8.31 19.00
C ASN A 213 -47.07 -8.61 19.83
N SER A 214 -46.73 -7.78 20.82
CA SER A 214 -45.53 -7.97 21.63
C SER A 214 -44.31 -8.13 20.73
N ALA A 215 -44.27 -7.37 19.64
CA ALA A 215 -43.27 -7.52 18.59
C ALA A 215 -42.36 -6.31 18.48
N GLY A 216 -42.05 -5.66 19.62
CA GLY A 216 -41.24 -4.47 19.59
C GLY A 216 -39.88 -4.66 18.94
N THR A 217 -39.29 -5.85 19.11
CA THR A 217 -37.95 -6.11 18.57
C THR A 217 -37.95 -6.23 17.05
N LYS A 218 -39.12 -6.24 16.41
CA LYS A 218 -39.21 -6.41 14.97
C LYS A 218 -39.38 -5.08 14.23
N VAL A 219 -39.32 -3.96 14.93
CA VAL A 219 -39.40 -2.66 14.27
C VAL A 219 -38.25 -2.53 13.28
N ARG A 220 -38.59 -2.15 12.05
CA ARG A 220 -37.61 -2.04 10.99
C ARG A 220 -36.98 -0.66 11.02
N HIS A 221 -35.66 -0.61 11.16
CA HIS A 221 -34.91 0.63 11.15
C HIS A 221 -34.20 0.78 9.81
N TYR A 222 -34.38 1.93 9.16
CA TYR A 222 -33.79 2.20 7.85
C TYR A 222 -32.62 3.17 7.97
N GLY A 223 -31.56 3.01 7.19
CA GLY A 223 -31.37 1.95 6.23
C GLY A 223 -30.18 2.33 5.37
N ILE A 224 -29.54 1.36 4.72
CA ILE A 224 -28.39 1.62 3.86
C ILE A 224 -28.55 0.82 2.58
N ALA A 225 -28.32 1.48 1.45
CA ALA A 225 -28.34 0.86 0.14
C ALA A 225 -26.96 0.97 -0.49
N PHE A 226 -26.65 0.04 -1.38
CA PHE A 226 -25.38 0.04 -2.09
C PHE A 226 -25.60 -0.38 -3.54
N SER A 227 -24.96 0.34 -4.45
CA SER A 227 -25.05 0.10 -5.88
C SER A 227 -23.70 -0.37 -6.41
N PHE A 228 -23.71 -0.90 -7.63
CA PHE A 228 -22.48 -1.42 -8.20
C PHE A 228 -22.60 -1.50 -9.71
N PRO A 229 -21.54 -1.20 -10.46
CA PRO A 229 -21.52 -1.57 -11.87
C PRO A 229 -21.37 -3.08 -12.00
N GLN A 230 -22.08 -3.66 -12.95
CA GLN A 230 -22.11 -5.12 -13.05
C GLN A 230 -20.77 -5.64 -13.56
N PRO A 231 -20.14 -6.58 -12.87
CA PRO A 231 -18.80 -7.03 -13.26
C PRO A 231 -18.82 -8.21 -14.24
N GLU A 232 -17.64 -8.49 -14.79
CA GLU A 232 -17.48 -9.54 -15.79
C GLU A 232 -17.51 -10.95 -15.20
N GLN A 233 -17.25 -11.09 -13.90
CA GLN A 233 -17.33 -12.37 -13.23
C GLN A 233 -18.06 -12.19 -11.91
N THR A 234 -18.61 -13.29 -11.40
CA THR A 234 -19.33 -13.25 -10.14
C THR A 234 -18.37 -12.94 -8.99
N ILE A 235 -18.83 -12.12 -8.06
CA ILE A 235 -18.07 -11.77 -6.86
C ILE A 235 -18.91 -12.09 -5.65
N THR A 236 -18.35 -12.87 -4.74
CA THR A 236 -19.00 -13.20 -3.48
C THR A 236 -18.39 -12.37 -2.36
N TYR A 237 -19.21 -12.01 -1.37
CA TYR A 237 -18.79 -11.18 -0.26
C TYR A 237 -19.24 -11.79 1.06
N VAL A 238 -18.51 -11.46 2.12
CA VAL A 238 -18.98 -11.63 3.49
C VAL A 238 -19.45 -10.27 3.99
N THR A 239 -20.68 -10.22 4.48
CA THR A 239 -21.25 -9.00 5.05
C THR A 239 -21.40 -9.18 6.55
N LYS A 240 -20.92 -8.20 7.32
CA LYS A 240 -21.09 -8.17 8.76
C LYS A 240 -21.86 -6.91 9.14
N LEU A 241 -22.95 -7.10 9.88
CA LEU A 241 -23.73 -5.99 10.41
C LEU A 241 -23.50 -5.91 11.90
N THR A 242 -23.49 -4.68 12.43
CA THR A 242 -23.27 -4.45 13.85
C THR A 242 -24.28 -3.42 14.34
N LEU A 243 -24.95 -3.74 15.45
CA LEU A 243 -25.84 -2.80 16.12
C LEU A 243 -25.22 -2.34 17.43
N TYR A 244 -25.35 -1.05 17.71
CA TYR A 244 -25.03 -0.49 19.01
C TYR A 244 -26.36 -0.05 19.63
N VAL A 245 -26.82 -0.81 20.62
CA VAL A 245 -28.18 -0.72 21.11
C VAL A 245 -28.15 -0.38 22.59
N GLN A 246 -28.95 0.61 22.98
CA GLN A 246 -29.19 0.90 24.39
C GLN A 246 -30.46 0.21 24.84
N PHE A 247 -30.42 -0.35 26.04
CA PHE A 247 -31.57 -1.00 26.65
C PHE A 247 -31.90 -0.32 27.96
N ARG A 248 -33.19 -0.24 28.27
CA ARG A 248 -33.68 0.45 29.46
C ARG A 248 -34.42 -0.55 30.34
N GLN A 249 -34.06 -0.57 31.63
CA GLN A 249 -34.82 -1.28 32.64
C GLN A 249 -34.69 -2.80 32.53
N PHE A 250 -33.73 -3.36 33.27
CA PHE A 250 -33.67 -4.81 33.45
C PHE A 250 -35.01 -5.30 34.01
N ALA A 251 -35.49 -6.42 33.49
CA ALA A 251 -36.86 -6.83 33.73
C ALA A 251 -36.95 -8.34 33.96
N PRO A 252 -37.95 -8.79 34.72
CA PRO A 252 -38.15 -10.23 34.90
C PRO A 252 -38.73 -10.87 33.64
N ASN A 253 -38.76 -12.20 33.67
CA ASN A 253 -39.55 -12.93 32.69
C ASN A 253 -41.03 -12.63 32.91
N ASN A 254 -41.83 -12.90 31.88
CA ASN A 254 -43.26 -12.79 32.02
C ASN A 254 -43.75 -13.77 33.09
N PRO A 255 -44.79 -13.42 33.83
CA PRO A 255 -45.29 -14.34 34.87
C PRO A 255 -45.66 -15.70 34.30
N SER A 256 -45.54 -16.73 35.15
CA SER A 256 -46.01 -18.05 34.79
C SER A 256 -47.53 -18.07 34.72
N THR A 257 -48.06 -18.92 33.84
CA THR A 257 -49.50 -19.02 33.63
C THR A 257 -50.01 -20.43 33.93
N PHE C 52 20.79 -8.61 45.12
CA PHE C 52 20.58 -10.02 44.83
C PHE C 52 19.80 -10.70 45.96
N SER C 53 18.60 -10.19 46.20
CA SER C 53 17.76 -10.62 47.31
C SER C 53 16.78 -11.69 46.84
N THR C 54 15.99 -12.19 47.81
CA THR C 54 15.03 -13.25 47.52
C THR C 54 14.03 -12.83 46.44
N ASN C 55 13.68 -11.54 46.39
CA ASN C 55 12.65 -11.06 45.48
C ASN C 55 13.20 -10.52 44.17
N ARG C 56 14.46 -10.80 43.84
CA ARG C 56 15.04 -10.29 42.61
C ARG C 56 14.32 -10.86 41.40
N ILE C 57 14.02 -10.00 40.43
CA ILE C 57 13.18 -10.34 39.29
C ILE C 57 14.01 -10.28 38.01
N TYR C 58 13.75 -11.23 37.11
CA TYR C 58 14.35 -11.27 35.78
C TYR C 58 13.24 -11.42 34.76
N THR C 59 13.43 -10.84 33.58
CA THR C 59 12.41 -10.88 32.53
C THR C 59 13.01 -11.43 31.25
N LEU C 60 12.35 -12.43 30.67
CA LEU C 60 12.77 -13.04 29.43
C LEU C 60 11.63 -13.02 28.44
N ARG C 61 11.99 -13.02 27.15
CA ARG C 61 11.08 -13.21 26.04
C ARG C 61 11.30 -14.61 25.49
N LEU C 62 10.21 -15.36 25.29
CA LEU C 62 10.28 -16.72 24.80
C LEU C 62 9.34 -16.88 23.62
N THR C 63 9.70 -17.76 22.69
CA THR C 63 8.92 -17.91 21.47
C THR C 63 8.96 -19.34 20.97
N ARG C 64 7.89 -19.73 20.27
CA ARG C 64 7.83 -20.99 19.54
C ARG C 64 6.93 -20.78 18.32
N GLN C 65 7.03 -21.71 17.37
CA GLN C 65 6.28 -21.60 16.13
C GLN C 65 5.70 -22.94 15.75
N PHE C 66 4.71 -22.89 14.86
CA PHE C 66 4.09 -24.10 14.34
C PHE C 66 3.21 -23.73 13.16
N GLN C 67 2.83 -24.75 12.40
CA GLN C 67 2.01 -24.59 11.21
C GLN C 67 0.53 -24.73 11.58
N PHE C 68 -0.31 -23.94 10.92
CA PHE C 68 -1.75 -24.07 11.04
C PHE C 68 -2.38 -24.04 9.66
N LYS C 69 -3.41 -24.86 9.47
CA LYS C 69 -4.07 -24.99 8.18
C LYS C 69 -5.56 -24.74 8.32
N ILE C 70 -6.11 -23.97 7.37
CA ILE C 70 -7.56 -23.85 7.19
C ILE C 70 -7.90 -24.62 5.92
N ASN C 71 -8.75 -25.62 6.06
CA ASN C 71 -9.02 -26.55 4.97
C ASN C 71 -9.99 -25.96 3.96
N LYS C 72 -9.84 -26.40 2.71
CA LYS C 72 -10.82 -26.11 1.68
C LYS C 72 -12.21 -26.53 2.15
N GLN C 73 -13.21 -25.70 1.86
CA GLN C 73 -14.58 -26.02 2.20
C GLN C 73 -15.07 -27.18 1.34
N THR C 74 -15.48 -28.27 1.97
CA THR C 74 -16.04 -29.42 1.29
C THR C 74 -17.41 -29.80 1.83
N THR C 75 -18.03 -28.92 2.61
CA THR C 75 -19.35 -29.16 3.19
C THR C 75 -20.22 -27.94 2.94
N SER C 76 -21.53 -28.17 2.95
CA SER C 76 -22.51 -27.10 2.71
C SER C 76 -22.03 -26.20 1.57
N VAL C 77 -21.55 -26.82 0.49
CA VAL C 77 -20.84 -26.10 -0.54
C VAL C 77 -21.70 -24.98 -1.12
N GLY C 78 -21.04 -23.88 -1.49
CA GLY C 78 -21.72 -22.70 -1.96
C GLY C 78 -22.20 -21.76 -0.87
N ASN C 79 -22.27 -22.22 0.37
CA ASN C 79 -22.78 -21.43 1.48
C ASN C 79 -21.64 -20.88 2.32
N LEU C 80 -21.95 -19.83 3.07
CA LEU C 80 -21.01 -19.24 4.01
C LEU C 80 -21.09 -20.00 5.33
N ILE C 81 -19.97 -20.60 5.74
CA ILE C 81 -19.87 -21.24 7.05
C ILE C 81 -18.59 -20.76 7.73
N PHE C 82 -18.55 -20.94 9.04
CA PHE C 82 -17.42 -20.52 9.87
C PHE C 82 -16.96 -21.67 10.74
N ASN C 83 -15.67 -21.69 11.03
CA ASN C 83 -15.11 -22.56 12.06
C ASN C 83 -14.11 -21.76 12.87
N ALA C 84 -13.66 -22.35 13.98
CA ALA C 84 -12.76 -21.64 14.88
C ALA C 84 -11.82 -22.64 15.56
N ASP C 85 -10.71 -22.09 16.06
CA ASP C 85 -9.74 -22.84 16.85
C ASP C 85 -9.18 -21.87 17.89
N TYR C 86 -8.26 -22.37 18.72
CA TYR C 86 -7.78 -21.55 19.82
C TYR C 86 -6.37 -21.96 20.25
N ILE C 87 -5.76 -21.11 21.06
CA ILE C 87 -4.41 -21.31 21.59
C ILE C 87 -4.43 -20.98 23.08
N THR C 88 -3.72 -21.78 23.86
CA THR C 88 -3.41 -21.47 25.24
C THR C 88 -1.90 -21.42 25.41
N PHE C 89 -1.46 -21.00 26.60
CA PHE C 89 -0.05 -20.70 26.85
C PHE C 89 0.39 -21.36 28.14
N ALA C 90 1.42 -22.19 28.04
CA ALA C 90 2.10 -22.75 29.21
C ALA C 90 3.60 -22.57 29.03
N LEU C 91 4.28 -22.15 30.10
CA LEU C 91 5.72 -21.95 30.02
C LEU C 91 6.42 -23.20 29.50
N ASP C 92 5.98 -24.38 29.94
CA ASP C 92 6.61 -25.61 29.50
C ASP C 92 6.50 -25.80 28.00
N ASP C 93 5.41 -25.32 27.38
CA ASP C 93 5.29 -25.39 25.93
C ASP C 93 6.47 -24.74 25.24
N PHE C 94 7.03 -23.69 25.85
CA PHE C 94 8.11 -22.93 25.22
C PHE C 94 9.49 -23.44 25.62
N LEU C 95 9.65 -23.92 26.85
CA LEU C 95 10.94 -24.44 27.26
C LEU C 95 11.28 -25.75 26.57
N GLN C 96 10.26 -26.53 26.19
CA GLN C 96 10.52 -27.79 25.50
C GLN C 96 10.76 -27.59 24.01
N ALA C 97 10.56 -26.40 23.48
CA ALA C 97 10.88 -26.14 22.08
C ALA C 97 12.38 -26.28 21.86
N VAL C 98 12.74 -26.89 20.72
CA VAL C 98 14.13 -27.28 20.48
C VAL C 98 15.12 -26.17 20.80
N PRO C 99 14.99 -24.96 20.26
CA PRO C 99 16.05 -23.95 20.42
C PRO C 99 16.05 -23.24 21.76
N ASN C 100 15.10 -23.50 22.64
CA ASN C 100 15.02 -22.76 23.89
C ASN C 100 15.69 -23.52 25.03
N PRO C 101 16.09 -22.84 26.10
CA PRO C 101 16.56 -23.55 27.28
C PRO C 101 15.44 -24.43 27.83
N HIS C 102 15.78 -25.69 28.12
CA HIS C 102 14.78 -26.67 28.51
C HIS C 102 14.51 -26.67 30.02
N THR C 103 15.38 -26.05 30.80
CA THR C 103 15.13 -25.79 32.21
C THR C 103 15.64 -24.41 32.54
N LEU C 104 15.02 -23.77 33.53
CA LEU C 104 15.41 -22.45 33.99
C LEU C 104 15.71 -22.50 35.48
N ASN C 105 16.78 -21.81 35.88
CA ASN C 105 17.22 -21.80 37.28
C ASN C 105 16.64 -20.60 38.02
N PHE C 106 15.31 -20.58 38.08
CA PHE C 106 14.57 -19.60 38.87
C PHE C 106 13.55 -20.34 39.72
N GLU C 107 13.13 -19.70 40.82
CA GLU C 107 12.19 -20.31 41.73
C GLU C 107 10.74 -20.09 41.32
N ASP C 108 10.39 -18.90 40.84
CA ASP C 108 9.01 -18.58 40.51
C ASP C 108 8.97 -17.86 39.17
N TYR C 109 7.77 -17.79 38.60
CA TYR C 109 7.55 -17.09 37.36
C TYR C 109 6.13 -16.55 37.32
N ARG C 110 5.90 -15.59 36.44
CA ARG C 110 4.56 -15.14 36.11
C ARG C 110 4.57 -14.59 34.69
N ILE C 111 3.53 -14.89 33.94
CA ILE C 111 3.42 -14.46 32.55
C ILE C 111 2.75 -13.09 32.52
N LYS C 112 3.50 -12.08 32.09
CA LYS C 112 2.96 -10.73 32.03
C LYS C 112 2.16 -10.48 30.77
N LEU C 113 2.53 -11.13 29.67
CA LEU C 113 1.99 -10.77 28.37
C LEU C 113 2.26 -11.91 27.40
N ALA C 114 1.30 -12.16 26.50
CA ALA C 114 1.45 -13.16 25.47
C ALA C 114 1.06 -12.54 24.13
N LYS C 115 1.59 -13.13 23.06
CA LYS C 115 1.40 -12.60 21.72
C LYS C 115 1.23 -13.76 20.76
N MET C 116 0.26 -13.64 19.87
CA MET C 116 0.04 -14.60 18.79
C MET C 116 0.09 -13.87 17.46
N GLU C 117 0.91 -14.38 16.54
CA GLU C 117 0.95 -13.86 15.19
C GLU C 117 0.86 -15.04 14.22
N MET C 118 -0.10 -14.96 13.30
CA MET C 118 -0.33 -16.01 12.31
C MET C 118 -0.37 -15.36 10.94
N ARG C 119 0.54 -15.78 10.06
CA ARG C 119 0.62 -15.21 8.73
C ARG C 119 0.60 -16.32 7.68
N PRO C 120 -0.04 -16.10 6.54
CA PRO C 120 -0.15 -17.16 5.54
C PRO C 120 1.21 -17.52 4.93
N THR C 121 1.29 -18.75 4.45
CA THR C 121 2.46 -19.21 3.70
C THR C 121 1.95 -20.10 2.58
N GLY C 122 2.84 -20.92 2.02
CA GLY C 122 2.44 -21.83 0.96
C GLY C 122 2.12 -21.15 -0.36
N GLY C 123 2.62 -19.93 -0.57
CA GLY C 123 2.37 -19.22 -1.80
C GLY C 123 1.01 -18.56 -1.91
N HIS C 124 0.27 -18.47 -0.80
CA HIS C 124 -1.04 -17.83 -0.82
C HIS C 124 -0.90 -16.33 -1.08
N TYR C 125 -1.75 -15.80 -1.94
CA TYR C 125 -1.70 -14.39 -2.29
C TYR C 125 -2.43 -13.55 -1.24
N THR C 126 -1.74 -12.52 -0.74
CA THR C 126 -2.37 -11.61 0.21
C THR C 126 -3.45 -10.75 -0.44
N VAL C 127 -3.38 -10.55 -1.75
CA VAL C 127 -4.40 -9.78 -2.47
C VAL C 127 -5.58 -10.66 -2.86
N GLN C 128 -5.59 -11.93 -2.48
CA GLN C 128 -6.69 -12.85 -2.79
C GLN C 128 -7.66 -12.81 -1.62
N SER C 129 -8.83 -12.19 -1.82
CA SER C 129 -9.78 -12.00 -0.73
C SER C 129 -10.46 -13.31 -0.36
N ASP C 130 -10.44 -13.65 0.93
CA ASP C 130 -11.17 -14.79 1.46
C ASP C 130 -11.95 -14.39 2.71
N GLY C 131 -12.46 -13.16 2.74
CA GLY C 131 -13.30 -12.72 3.83
C GLY C 131 -12.52 -12.43 5.10
N PHE C 132 -13.26 -12.37 6.20
CA PHE C 132 -12.68 -12.06 7.50
C PHE C 132 -13.37 -12.88 8.58
N GLY C 133 -12.59 -13.25 9.59
CA GLY C 133 -13.13 -13.82 10.81
C GLY C 133 -12.80 -12.92 11.98
N HIS C 134 -12.70 -13.46 13.18
CA HIS C 134 -12.43 -12.66 14.36
C HIS C 134 -11.49 -13.39 15.31
N THR C 135 -10.75 -12.61 16.08
CA THR C 135 -10.04 -13.09 17.26
C THR C 135 -10.78 -12.61 18.50
N ALA C 136 -10.70 -13.41 19.56
CA ALA C 136 -11.28 -13.04 20.84
C ALA C 136 -10.39 -13.55 21.96
N VAL C 137 -10.27 -12.74 23.00
CA VAL C 137 -9.50 -13.12 24.19
C VAL C 137 -10.46 -13.82 25.14
N ILE C 138 -10.25 -15.11 25.34
CA ILE C 138 -11.09 -15.95 26.18
C ILE C 138 -10.18 -16.52 27.26
N GLN C 139 -10.28 -15.98 28.47
CA GLN C 139 -9.32 -16.21 29.53
C GLN C 139 -9.77 -17.26 30.53
N ASP C 140 -10.46 -18.30 30.06
CA ASP C 140 -10.86 -19.42 30.91
C ASP C 140 -11.08 -20.65 30.03
N SER C 141 -11.28 -21.79 30.69
CA SER C 141 -11.30 -23.07 29.99
C SER C 141 -12.53 -23.26 29.11
N ARG C 142 -13.52 -22.37 29.20
CA ARG C 142 -14.61 -22.38 28.22
C ARG C 142 -14.07 -22.29 26.80
N ILE C 143 -12.84 -21.78 26.63
CA ILE C 143 -12.26 -21.64 25.29
C ILE C 143 -12.24 -22.96 24.55
N THR C 144 -12.20 -24.09 25.27
CA THR C 144 -12.11 -25.38 24.61
C THR C 144 -13.34 -25.66 23.74
N ARG C 145 -14.48 -25.02 24.03
CA ARG C 145 -15.67 -25.21 23.23
C ARG C 145 -15.56 -24.52 21.88
N PHE C 146 -14.60 -23.61 21.69
CA PHE C 146 -14.50 -22.83 20.48
C PHE C 146 -13.48 -23.38 19.49
N LYS C 147 -12.96 -24.59 19.74
CA LYS C 147 -12.48 -25.41 18.64
C LYS C 147 -13.70 -26.14 18.09
N THR C 148 -14.23 -25.64 16.98
CA THR C 148 -15.51 -26.12 16.50
C THR C 148 -15.39 -27.53 15.92
N THR C 149 -16.38 -28.36 16.24
CA THR C 149 -16.47 -29.72 15.71
C THR C 149 -17.58 -29.85 14.67
N ALA C 150 -18.33 -28.79 14.43
CA ALA C 150 -19.32 -28.73 13.36
C ALA C 150 -19.31 -27.34 12.77
N ASP C 151 -19.70 -27.24 11.50
CA ASP C 151 -19.73 -25.95 10.83
C ASP C 151 -20.72 -25.02 11.49
N GLN C 152 -20.33 -23.75 11.62
CA GLN C 152 -21.18 -22.72 12.19
C GLN C 152 -21.76 -21.87 11.06
N THR C 153 -23.04 -21.51 11.18
CA THR C 153 -23.67 -20.66 10.19
C THR C 153 -23.47 -19.17 10.50
N GLN C 154 -22.90 -18.84 11.65
CA GLN C 154 -22.47 -17.49 11.96
C GLN C 154 -21.05 -17.52 12.51
N ASP C 155 -20.40 -16.37 12.51
CA ASP C 155 -19.08 -16.27 13.09
C ASP C 155 -19.19 -16.53 14.59
N PRO C 156 -18.56 -17.59 15.12
CA PRO C 156 -18.80 -17.95 16.52
C PRO C 156 -18.11 -17.06 17.54
N LEU C 157 -17.19 -16.18 17.13
CA LEU C 157 -16.49 -15.31 18.05
C LEU C 157 -16.88 -13.84 17.94
N ALA C 158 -17.49 -13.44 16.83
CA ALA C 158 -17.78 -12.02 16.61
C ALA C 158 -18.57 -11.37 17.73
N PRO C 159 -19.51 -12.05 18.39
CA PRO C 159 -20.28 -11.38 19.45
C PRO C 159 -19.47 -11.03 20.69
N PHE C 160 -18.31 -11.65 20.89
CA PHE C 160 -17.51 -11.38 22.08
C PHE C 160 -17.16 -9.90 22.17
N ASP C 161 -17.34 -9.33 23.36
CA ASP C 161 -16.66 -8.08 23.68
C ASP C 161 -15.16 -8.26 23.50
N GLY C 162 -14.54 -7.29 22.83
CA GLY C 162 -13.14 -7.40 22.49
C GLY C 162 -12.86 -8.14 21.20
N ALA C 163 -13.87 -8.72 20.56
CA ALA C 163 -13.66 -9.41 19.30
C ALA C 163 -13.13 -8.44 18.24
N LYS C 164 -12.08 -8.85 17.53
CA LYS C 164 -11.46 -8.01 16.52
C LYS C 164 -11.39 -8.76 15.20
N LYS C 165 -11.80 -8.07 14.13
CA LYS C 165 -11.79 -8.62 12.79
C LYS C 165 -10.37 -8.87 12.30
N TRP C 166 -10.20 -9.93 11.51
CA TRP C 166 -8.95 -10.17 10.80
C TRP C 166 -9.27 -10.79 9.45
N PHE C 167 -8.45 -10.46 8.45
CA PHE C 167 -8.67 -10.94 7.09
C PHE C 167 -7.92 -12.24 6.87
N VAL C 168 -8.66 -13.26 6.41
CA VAL C 168 -8.12 -14.61 6.26
C VAL C 168 -6.84 -14.61 5.44
N SER C 169 -6.72 -13.71 4.46
CA SER C 169 -5.60 -13.74 3.54
C SER C 169 -4.37 -13.01 4.07
N ARG C 170 -4.48 -12.28 5.17
CA ARG C 170 -3.33 -11.57 5.74
C ARG C 170 -2.92 -12.09 7.10
N GLY C 171 -3.77 -12.88 7.76
CA GLY C 171 -3.45 -13.33 9.10
C GLY C 171 -3.76 -12.26 10.13
N PHE C 172 -3.19 -12.43 11.32
CA PHE C 172 -3.44 -11.47 12.38
C PHE C 172 -2.29 -11.48 13.39
N LYS C 173 -2.30 -10.47 14.23
CA LYS C 173 -1.34 -10.29 15.32
C LYS C 173 -2.13 -9.74 16.50
N ARG C 174 -2.01 -10.39 17.67
CA ARG C 174 -2.74 -9.89 18.83
C ARG C 174 -1.98 -10.21 20.11
N LEU C 175 -1.97 -9.23 21.01
CA LEU C 175 -1.41 -9.37 22.33
C LEU C 175 -2.53 -9.49 23.36
N LEU C 176 -2.24 -10.20 24.45
CA LEU C 176 -3.23 -10.42 25.49
C LEU C 176 -2.51 -10.68 26.80
N ARG C 177 -3.29 -10.69 27.88
CA ARG C 177 -2.78 -11.06 29.19
C ARG C 177 -3.39 -12.40 29.59
N PRO C 178 -2.68 -13.51 29.38
CA PRO C 178 -3.27 -14.82 29.65
C PRO C 178 -3.32 -15.11 31.15
N LYS C 179 -4.31 -15.91 31.54
CA LYS C 179 -4.67 -16.05 32.94
C LYS C 179 -4.55 -17.49 33.39
N PRO C 180 -3.85 -17.78 34.48
CA PRO C 180 -3.94 -19.11 35.09
C PRO C 180 -5.20 -19.24 35.94
N GLN C 181 -5.63 -20.48 36.13
CA GLN C 181 -6.94 -20.76 36.70
C GLN C 181 -6.76 -21.33 38.11
N ILE C 182 -7.22 -20.57 39.11
CA ILE C 182 -7.17 -20.98 40.51
C ILE C 182 -8.40 -21.81 40.83
N THR C 183 -8.22 -22.84 41.66
CA THR C 183 -9.26 -23.82 41.92
C THR C 183 -10.18 -23.38 43.05
N ILE C 184 -11.49 -23.50 42.82
CA ILE C 184 -12.51 -23.41 43.85
C ILE C 184 -13.27 -24.74 43.87
N GLU C 185 -13.35 -25.37 45.05
CA GLU C 185 -14.01 -26.65 45.18
C GLU C 185 -15.33 -26.57 45.95
N ASP C 186 -15.70 -25.40 46.46
CA ASP C 186 -16.89 -25.26 47.30
C ASP C 186 -18.01 -24.70 46.44
N LEU C 187 -18.76 -25.59 45.79
CA LEU C 187 -19.89 -25.25 44.94
C LEU C 187 -21.18 -25.78 45.56
N THR C 188 -22.31 -25.29 45.04
CA THR C 188 -23.61 -25.77 45.51
C THR C 188 -23.91 -27.19 45.04
N THR C 189 -23.14 -27.70 44.09
CA THR C 189 -23.24 -29.09 43.65
C THR C 189 -22.00 -29.85 44.09
N ALA C 190 -22.19 -31.05 44.63
CA ALA C 190 -21.10 -31.79 45.23
C ALA C 190 -20.19 -32.39 44.17
N ASN C 191 -18.91 -32.51 44.52
CA ASN C 191 -17.90 -33.16 43.69
C ASN C 191 -17.71 -32.44 42.36
N GLN C 192 -17.94 -31.12 42.36
CA GLN C 192 -17.62 -30.27 41.22
C GLN C 192 -16.73 -29.13 41.70
N SER C 193 -15.97 -28.58 40.76
CA SER C 193 -15.06 -27.48 41.05
C SER C 193 -15.20 -26.45 39.94
N ALA C 194 -14.71 -25.23 40.23
CA ALA C 194 -14.76 -24.14 39.28
C ALA C 194 -13.45 -23.37 39.38
N ALA C 195 -13.37 -22.24 38.68
CA ALA C 195 -12.13 -21.51 38.52
C ALA C 195 -12.30 -20.05 38.90
N LEU C 196 -11.17 -19.43 39.25
CA LEU C 196 -11.07 -18.00 39.49
C LEU C 196 -9.71 -17.56 38.96
N TRP C 197 -9.64 -16.35 38.40
CA TRP C 197 -8.35 -15.81 38.00
C TRP C 197 -8.23 -14.36 38.44
N LEU C 198 -6.98 -13.91 38.54
CA LEU C 198 -6.64 -12.64 39.16
C LEU C 198 -6.49 -11.56 38.10
N ASN C 199 -6.95 -10.36 38.43
CA ASN C 199 -6.90 -9.24 37.49
C ASN C 199 -5.47 -8.90 37.11
N SER C 200 -4.59 -8.78 38.09
CA SER C 200 -3.23 -8.32 37.88
C SER C 200 -2.26 -9.47 37.99
N ALA C 201 -1.32 -9.54 37.05
CA ALA C 201 -0.22 -10.50 37.15
C ALA C 201 0.68 -10.21 38.34
N ARG C 202 0.73 -8.97 38.82
CA ARG C 202 1.55 -8.63 39.97
C ARG C 202 1.04 -9.23 41.26
N THR C 203 -0.16 -9.81 41.27
CA THR C 203 -0.76 -10.28 42.51
C THR C 203 -0.11 -11.56 43.01
N GLY C 204 0.35 -12.44 42.10
CA GLY C 204 0.83 -13.75 42.49
C GLY C 204 2.09 -14.16 41.78
N TRP C 205 2.66 -15.26 42.27
CA TRP C 205 3.81 -15.92 41.66
C TRP C 205 3.54 -17.42 41.57
N ILE C 206 4.03 -18.05 40.51
CA ILE C 206 3.88 -19.48 40.32
C ILE C 206 5.25 -20.14 40.52
N PRO C 207 5.44 -20.95 41.56
CA PRO C 207 6.70 -21.68 41.70
C PRO C 207 6.88 -22.69 40.58
N LEU C 208 8.04 -22.67 39.93
CA LEU C 208 8.30 -23.60 38.83
C LEU C 208 8.15 -25.04 39.29
N GLN C 209 8.64 -25.37 40.48
CA GLN C 209 8.63 -26.74 40.98
C GLN C 209 7.73 -26.90 42.20
N GLY C 210 6.78 -25.98 42.41
CA GLY C 210 5.85 -26.11 43.51
C GLY C 210 4.77 -27.14 43.22
N GLY C 211 4.13 -27.60 44.29
CA GLY C 211 3.06 -28.55 44.18
C GLY C 211 3.54 -29.99 44.18
N PRO C 212 2.62 -30.93 44.33
CA PRO C 212 3.01 -32.34 44.48
C PRO C 212 3.55 -32.98 43.22
N ASN C 213 3.53 -32.31 42.08
CA ASN C 213 4.06 -32.85 40.84
C ASN C 213 5.25 -32.06 40.31
N SER C 214 5.70 -31.03 41.02
CA SER C 214 6.79 -30.18 40.53
C SER C 214 6.52 -29.72 39.10
N ALA C 215 5.26 -29.37 38.82
CA ALA C 215 4.79 -29.11 37.47
C ALA C 215 4.32 -27.68 37.29
N GLY C 216 4.95 -26.74 37.99
CA GLY C 216 4.52 -25.35 37.90
C GLY C 216 4.57 -24.78 36.50
N THR C 217 5.54 -25.22 35.69
CA THR C 217 5.68 -24.69 34.33
C THR C 217 4.57 -25.17 33.40
N LYS C 218 3.76 -26.12 33.83
CA LYS C 218 2.69 -26.65 32.99
C LYS C 218 1.34 -25.99 33.25
N VAL C 219 1.30 -24.97 34.10
CA VAL C 219 0.05 -24.25 34.33
C VAL C 219 -0.44 -23.65 33.02
N ARG C 220 -1.68 -23.96 32.67
CA ARG C 220 -2.27 -23.49 31.43
C ARG C 220 -2.83 -22.09 31.63
N HIS C 221 -2.36 -21.13 30.82
CA HIS C 221 -2.86 -19.77 30.84
C HIS C 221 -3.76 -19.54 29.62
N TYR C 222 -4.92 -18.94 29.84
CA TYR C 222 -5.90 -18.70 28.78
C TYR C 222 -5.96 -17.22 28.43
N GLY C 223 -6.14 -16.85 27.16
CA GLY C 223 -6.22 -17.76 26.03
C GLY C 223 -6.75 -16.95 24.86
N ILE C 224 -6.51 -17.38 23.62
CA ILE C 224 -6.95 -16.64 22.44
C ILE C 224 -7.59 -17.61 21.45
N ALA C 225 -8.74 -17.22 20.92
CA ALA C 225 -9.46 -17.98 19.91
C ALA C 225 -9.53 -17.15 18.63
N PHE C 226 -9.60 -17.85 17.49
CA PHE C 226 -9.73 -17.19 16.21
C PHE C 226 -10.69 -17.97 15.34
N SER C 227 -11.57 -17.24 14.66
CA SER C 227 -12.58 -17.79 13.78
C SER C 227 -12.28 -17.41 12.34
N PHE C 228 -12.88 -18.14 11.41
CA PHE C 228 -12.64 -17.88 10.02
C PHE C 228 -13.81 -18.36 9.18
N PRO C 229 -14.19 -17.62 8.13
CA PRO C 229 -15.08 -18.19 7.13
C PRO C 229 -14.33 -19.20 6.27
N GLN C 230 -14.98 -20.33 6.03
CA GLN C 230 -14.30 -21.42 5.35
C GLN C 230 -13.96 -21.00 3.91
N PRO C 231 -12.71 -21.12 3.48
CA PRO C 231 -12.32 -20.65 2.14
C PRO C 231 -12.52 -21.71 1.07
N GLU C 232 -12.43 -21.28 -0.18
CA GLU C 232 -12.58 -22.17 -1.32
C GLU C 232 -11.35 -23.03 -1.56
N GLN C 233 -10.18 -22.61 -1.08
CA GLN C 233 -8.97 -23.42 -1.17
C GLN C 233 -8.29 -23.44 0.18
N THR C 234 -7.49 -24.48 0.40
CA THR C 234 -6.78 -24.65 1.65
C THR C 234 -5.72 -23.57 1.82
N ILE C 235 -5.61 -23.04 3.04
CA ILE C 235 -4.63 -22.01 3.37
C ILE C 235 -3.78 -22.51 4.52
N THR C 236 -2.46 -22.43 4.34
CA THR C 236 -1.50 -22.79 5.38
C THR C 236 -0.90 -21.52 5.96
N TYR C 237 -0.60 -21.57 7.27
CA TYR C 237 -0.06 -20.42 7.99
C TYR C 237 1.15 -20.82 8.80
N VAL C 238 1.99 -19.84 9.09
CA VAL C 238 3.02 -19.95 10.12
C VAL C 238 2.56 -19.15 11.32
N THR C 239 2.54 -19.79 12.49
CA THR C 239 2.15 -19.14 13.73
C THR C 239 3.37 -18.98 14.62
N LYS C 240 3.54 -17.79 15.17
CA LYS C 240 4.58 -17.51 16.15
C LYS C 240 3.92 -17.05 17.44
N LEU C 241 4.19 -17.76 18.53
CA LEU C 241 3.76 -17.35 19.86
C LEU C 241 4.94 -16.76 20.61
N THR C 242 4.69 -15.71 21.38
CA THR C 242 5.71 -15.08 22.20
C THR C 242 5.17 -14.88 23.61
N LEU C 243 5.96 -15.27 24.60
CA LEU C 243 5.67 -15.00 26.00
C LEU C 243 6.63 -13.96 26.53
N TYR C 244 6.11 -13.05 27.35
CA TYR C 244 6.92 -12.12 28.13
C TYR C 244 6.76 -12.54 29.59
N VAL C 245 7.82 -13.13 30.15
CA VAL C 245 7.73 -13.86 31.41
C VAL C 245 8.69 -13.23 32.42
N GLN C 246 8.18 -12.91 33.60
CA GLN C 246 9.02 -12.51 34.70
C GLN C 246 9.35 -13.71 35.57
N PHE C 247 10.62 -13.79 35.98
CA PHE C 247 11.07 -14.85 36.88
C PHE C 247 11.61 -14.22 38.15
N ARG C 248 11.43 -14.93 39.26
CA ARG C 248 11.82 -14.46 40.57
C ARG C 248 12.82 -15.44 41.18
N GLN C 249 13.92 -14.90 41.70
CA GLN C 249 14.88 -15.64 42.50
C GLN C 249 15.68 -16.66 41.71
N PHE C 250 16.88 -16.26 41.26
CA PHE C 250 17.84 -17.21 40.73
C PHE C 250 18.07 -18.32 41.75
N ALA C 251 18.12 -19.56 41.27
CA ALA C 251 18.08 -20.70 42.16
C ALA C 251 19.06 -21.77 41.71
N PRO C 252 19.61 -22.54 42.65
CA PRO C 252 20.49 -23.66 42.27
C PRO C 252 19.69 -24.81 41.69
N ASN C 253 20.44 -25.78 41.16
CA ASN C 253 19.84 -27.06 40.82
C ASN C 253 19.36 -27.76 42.10
N ASN C 254 18.47 -28.73 41.92
CA ASN C 254 18.09 -29.56 43.04
C ASN C 254 19.33 -30.29 43.58
N PRO C 255 19.39 -30.51 44.89
CA PRO C 255 20.56 -31.20 45.45
C PRO C 255 20.76 -32.57 44.80
N SER C 256 22.01 -33.01 44.77
CA SER C 256 22.32 -34.35 44.30
C SER C 256 21.84 -35.38 45.32
N THR C 257 21.52 -36.58 44.82
CA THR C 257 20.98 -37.63 45.66
C THR C 257 21.81 -38.90 45.56
N PHE E 52 -36.40 35.06 0.84
CA PHE E 52 -36.74 34.48 -0.46
C PHE E 52 -36.82 35.57 -1.52
N SER E 53 -35.66 36.14 -1.82
CA SER E 53 -35.52 37.27 -2.71
C SER E 53 -35.13 36.81 -4.12
N THR E 54 -35.19 37.76 -5.05
CA THR E 54 -34.83 37.47 -6.44
C THR E 54 -33.47 36.79 -6.53
N ASN E 55 -32.54 37.17 -5.67
CA ASN E 55 -31.16 36.72 -5.74
C ASN E 55 -30.88 35.49 -4.87
N ARG E 56 -31.92 34.83 -4.36
CA ARG E 56 -31.71 33.66 -3.51
C ARG E 56 -30.99 32.56 -4.28
N ILE E 57 -29.98 31.97 -3.66
CA ILE E 57 -29.10 31.00 -4.32
C ILE E 57 -29.29 29.64 -3.69
N TYR E 58 -29.23 28.60 -4.53
CA TYR E 58 -29.25 27.21 -4.11
C TYR E 58 -28.08 26.50 -4.77
N THR E 59 -27.57 25.46 -4.11
CA THR E 59 -26.42 24.73 -4.63
C THR E 59 -26.73 23.24 -4.66
N LEU E 60 -26.48 22.61 -5.80
CA LEU E 60 -26.72 21.19 -5.99
C LEU E 60 -25.47 20.50 -6.51
N ARG E 61 -25.35 19.23 -6.17
CA ARG E 61 -24.35 18.34 -6.74
C ARG E 61 -25.05 17.41 -7.73
N LEU E 62 -24.49 17.27 -8.93
CA LEU E 62 -25.06 16.44 -9.98
C LEU E 62 -23.97 15.55 -10.57
N THR E 63 -24.35 14.34 -10.95
CA THR E 63 -23.38 13.36 -11.44
C THR E 63 -23.98 12.51 -12.56
N ARG E 64 -23.09 11.96 -13.38
CA ARG E 64 -23.45 11.00 -14.41
C ARG E 64 -22.24 10.12 -14.67
N GLN E 65 -22.48 8.97 -15.30
CA GLN E 65 -21.41 8.00 -15.52
C GLN E 65 -21.52 7.43 -16.93
N PHE E 66 -20.39 6.92 -17.41
CA PHE E 66 -20.35 6.25 -18.70
C PHE E 66 -19.06 5.43 -18.77
N GLN E 67 -19.00 4.58 -19.78
CA GLN E 67 -17.88 3.68 -19.99
C GLN E 67 -16.91 4.28 -20.99
N PHE E 68 -15.62 4.04 -20.78
CA PHE E 68 -14.59 4.47 -21.72
C PHE E 68 -13.62 3.33 -21.94
N LYS E 69 -13.17 3.19 -23.19
CA LYS E 69 -12.27 2.12 -23.59
C LYS E 69 -11.00 2.71 -24.19
N ILE E 70 -9.86 2.16 -23.78
CA ILE E 70 -8.58 2.35 -24.46
C ILE E 70 -8.26 1.03 -25.15
N ASN E 71 -8.13 1.08 -26.48
CA ASN E 71 -8.04 -0.15 -27.25
C ASN E 71 -6.62 -0.70 -27.27
N LYS E 72 -6.54 -2.02 -27.36
CA LYS E 72 -5.28 -2.70 -27.65
C LYS E 72 -4.55 -2.00 -28.78
N GLN E 73 -3.23 -1.91 -28.66
CA GLN E 73 -2.42 -1.33 -29.72
C GLN E 73 -2.32 -2.31 -30.88
N THR E 74 -2.77 -1.86 -32.07
CA THR E 74 -2.71 -2.66 -33.28
C THR E 74 -2.01 -1.92 -34.41
N THR E 75 -1.35 -0.80 -34.11
CA THR E 75 -0.61 -0.02 -35.09
C THR E 75 0.78 0.22 -34.56
N SER E 76 1.72 0.45 -35.49
CA SER E 76 3.12 0.69 -35.15
C SER E 76 3.57 -0.22 -34.02
N VAL E 77 3.23 -1.51 -34.14
CA VAL E 77 3.38 -2.43 -33.04
C VAL E 77 4.84 -2.50 -32.60
N GLY E 78 5.05 -2.61 -31.29
CA GLY E 78 6.37 -2.60 -30.71
C GLY E 78 6.91 -1.22 -30.41
N ASN E 79 6.26 -0.17 -30.87
CA ASN E 79 6.68 1.20 -30.64
C ASN E 79 5.75 1.88 -29.64
N LEU E 80 6.29 2.91 -28.99
CA LEU E 80 5.52 3.72 -28.06
C LEU E 80 4.71 4.76 -28.84
N ILE E 81 3.39 4.74 -28.67
CA ILE E 81 2.51 5.75 -29.26
C ILE E 81 1.53 6.22 -28.20
N PHE E 82 0.98 7.41 -28.43
CA PHE E 82 0.03 8.02 -27.52
C PHE E 82 -1.22 8.43 -28.28
N ASN E 83 -2.34 8.43 -27.58
CA ASN E 83 -3.58 9.02 -28.07
C ASN E 83 -4.24 9.77 -26.91
N ALA E 84 -5.30 10.52 -27.25
CA ALA E 84 -5.95 11.37 -26.26
C ALA E 84 -7.41 11.54 -26.61
N ASP E 85 -8.20 11.84 -25.58
CA ASP E 85 -9.62 12.15 -25.72
C ASP E 85 -9.93 13.25 -24.72
N TYR E 86 -11.20 13.64 -24.62
CA TYR E 86 -11.52 14.77 -23.76
C TYR E 86 -12.99 14.73 -23.36
N ILE E 87 -13.31 15.54 -22.34
CA ILE E 87 -14.65 15.67 -21.79
C ILE E 87 -14.98 17.14 -21.63
N THR E 88 -16.22 17.49 -21.92
CA THR E 88 -16.76 18.81 -21.61
C THR E 88 -18.00 18.64 -20.74
N PHE E 89 -18.51 19.76 -20.24
CA PHE E 89 -19.56 19.74 -19.23
C PHE E 89 -20.69 20.67 -19.63
N ALA E 90 -21.90 20.14 -19.70
CA ALA E 90 -23.11 20.93 -19.88
C ALA E 90 -24.15 20.45 -18.90
N LEU E 91 -24.84 21.40 -18.26
CA LEU E 91 -25.89 21.04 -17.31
C LEU E 91 -26.88 20.06 -17.91
N ASP E 92 -27.28 20.29 -19.15
CA ASP E 92 -28.26 19.41 -19.80
C ASP E 92 -27.77 17.97 -19.86
N ASP E 93 -26.46 17.77 -20.05
CA ASP E 93 -25.91 16.42 -20.04
C ASP E 93 -26.29 15.69 -18.76
N PHE E 94 -26.32 16.39 -17.64
CA PHE E 94 -26.58 15.76 -16.34
C PHE E 94 -28.08 15.64 -16.06
N LEU E 95 -28.88 16.62 -16.47
CA LEU E 95 -30.31 16.55 -16.22
C LEU E 95 -30.98 15.47 -17.06
N GLN E 96 -30.43 15.17 -18.23
CA GLN E 96 -31.00 14.11 -19.06
C GLN E 96 -30.62 12.72 -18.58
N ALA E 97 -29.65 12.59 -17.67
CA ALA E 97 -29.31 11.29 -17.12
C ALA E 97 -30.53 10.71 -16.39
N VAL E 98 -30.74 9.41 -16.56
CA VAL E 98 -31.97 8.77 -16.10
C VAL E 98 -32.32 9.13 -14.65
N PRO E 99 -31.42 8.95 -13.68
CA PRO E 99 -31.82 9.11 -12.27
C PRO E 99 -31.91 10.55 -11.79
N ASN E 100 -31.63 11.53 -12.63
CA ASN E 100 -31.61 12.93 -12.19
C ASN E 100 -32.91 13.63 -12.57
N PRO E 101 -33.23 14.72 -11.87
CA PRO E 101 -34.36 15.55 -12.31
C PRO E 101 -34.08 16.10 -13.70
N HIS E 102 -35.06 15.98 -14.59
CA HIS E 102 -34.87 16.33 -15.98
C HIS E 102 -35.19 17.79 -16.28
N THR E 103 -35.90 18.46 -15.38
CA THR E 103 -36.01 19.91 -15.39
C THR E 103 -35.81 20.42 -13.97
N LEU E 104 -35.33 21.65 -13.87
CA LEU E 104 -35.15 22.33 -12.59
C LEU E 104 -35.91 23.64 -12.60
N ASN E 105 -36.56 23.94 -11.48
CA ASN E 105 -37.36 25.16 -11.35
C ASN E 105 -36.52 26.29 -10.77
N PHE E 106 -35.49 26.67 -11.52
CA PHE E 106 -34.65 27.81 -11.21
C PHE E 106 -34.48 28.67 -12.46
N GLU E 107 -34.22 29.96 -12.24
CA GLU E 107 -34.12 30.90 -13.36
C GLU E 107 -32.72 30.96 -13.96
N ASP E 108 -31.67 30.87 -13.13
CA ASP E 108 -30.30 30.95 -13.61
C ASP E 108 -29.44 29.90 -12.92
N TYR E 109 -28.26 29.67 -13.48
CA TYR E 109 -27.29 28.75 -12.89
C TYR E 109 -25.89 29.20 -13.25
N ARG E 110 -24.92 28.65 -12.53
CA ARG E 110 -23.51 28.79 -12.88
C ARG E 110 -22.76 27.60 -12.30
N ILE E 111 -21.83 27.07 -13.08
CA ILE E 111 -21.06 25.89 -12.69
C ILE E 111 -19.82 26.37 -11.96
N LYS E 112 -19.74 26.07 -10.66
CA LYS E 112 -18.60 26.49 -9.86
C LYS E 112 -17.42 25.54 -9.99
N LEU E 113 -17.69 24.24 -10.14
CA LEU E 113 -16.65 23.24 -10.08
C LEU E 113 -17.12 21.99 -10.79
N ALA E 114 -16.18 21.30 -11.44
CA ALA E 114 -16.46 20.02 -12.08
C ALA E 114 -15.38 19.03 -11.68
N LYS E 115 -15.74 17.75 -11.72
CA LYS E 115 -14.86 16.68 -11.29
C LYS E 115 -15.00 15.53 -12.28
N MET E 116 -13.87 15.01 -12.76
CA MET E 116 -13.84 13.82 -13.58
C MET E 116 -13.04 12.75 -12.85
N GLU E 117 -13.64 11.55 -12.73
CA GLU E 117 -12.95 10.41 -12.16
C GLU E 117 -13.16 9.21 -13.08
N MET E 118 -12.05 8.64 -13.55
CA MET E 118 -12.06 7.50 -14.46
C MET E 118 -11.26 6.38 -13.80
N ARG E 119 -11.90 5.23 -13.60
CA ARG E 119 -11.25 4.13 -12.92
C ARG E 119 -11.43 2.84 -13.73
N PRO E 120 -10.42 1.97 -13.75
CA PRO E 120 -10.51 0.76 -14.57
C PRO E 120 -11.55 -0.21 -14.05
N THR E 121 -12.10 -0.99 -14.97
CA THR E 121 -13.03 -2.07 -14.63
C THR E 121 -12.71 -3.25 -15.52
N GLY E 122 -13.65 -4.19 -15.62
CA GLY E 122 -13.47 -5.34 -16.49
C GLY E 122 -12.37 -6.29 -16.06
N GLY E 123 -12.01 -6.29 -14.78
CA GLY E 123 -11.01 -7.20 -14.27
C GLY E 123 -9.57 -6.77 -14.47
N HIS E 124 -9.34 -5.54 -14.94
CA HIS E 124 -7.97 -5.08 -15.15
C HIS E 124 -7.23 -5.00 -13.83
N TYR E 125 -5.99 -5.47 -13.82
CA TYR E 125 -5.17 -5.47 -12.61
C TYR E 125 -4.53 -4.10 -12.40
N THR E 126 -4.74 -3.52 -11.22
CA THR E 126 -4.11 -2.24 -10.91
C THR E 126 -2.60 -2.38 -10.82
N VAL E 127 -2.10 -3.56 -10.45
CA VAL E 127 -0.65 -3.79 -10.36
C VAL E 127 -0.04 -4.14 -11.70
N GLN E 128 -0.83 -4.13 -12.77
CA GLN E 128 -0.33 -4.40 -14.12
C GLN E 128 0.02 -3.06 -14.76
N SER E 129 1.30 -2.71 -14.77
CA SER E 129 1.71 -1.38 -15.20
C SER E 129 1.62 -1.28 -16.72
N ASP E 130 0.94 -0.24 -17.19
CA ASP E 130 0.84 0.09 -18.61
C ASP E 130 1.25 1.54 -18.86
N GLY E 131 2.23 2.02 -18.11
CA GLY E 131 2.77 3.34 -18.33
C GLY E 131 1.90 4.43 -17.76
N PHE E 132 2.15 5.65 -18.23
CA PHE E 132 1.45 6.82 -17.71
C PHE E 132 1.21 7.81 -18.84
N GLY E 133 0.08 8.50 -18.75
CA GLY E 133 -0.22 9.62 -19.62
C GLY E 133 -0.45 10.86 -18.78
N HIS E 134 -1.19 11.83 -19.32
CA HIS E 134 -1.41 13.07 -18.60
C HIS E 134 -2.85 13.53 -18.77
N THR E 135 -3.32 14.29 -17.77
CA THR E 135 -4.52 15.08 -17.89
C THR E 135 -4.12 16.54 -18.04
N ALA E 136 -4.98 17.31 -18.71
CA ALA E 136 -4.74 18.73 -18.87
C ALA E 136 -6.09 19.44 -18.85
N VAL E 137 -6.12 20.60 -18.22
CA VAL E 137 -7.31 21.43 -18.18
C VAL E 137 -7.24 22.38 -19.38
N ILE E 138 -8.19 22.25 -20.30
CA ILE E 138 -8.23 23.02 -21.53
C ILE E 138 -9.60 23.67 -21.58
N GLN E 139 -9.64 24.99 -21.34
CA GLN E 139 -10.88 25.69 -21.05
C GLN E 139 -11.39 26.47 -22.26
N ASP E 140 -11.23 25.91 -23.46
CA ASP E 140 -11.76 26.50 -24.67
C ASP E 140 -11.90 25.42 -25.72
N SER E 141 -12.53 25.77 -26.84
CA SER E 141 -12.91 24.77 -27.84
C SER E 141 -11.73 24.19 -28.59
N ARG E 142 -10.51 24.71 -28.41
CA ARG E 142 -9.34 24.06 -28.96
C ARG E 142 -9.23 22.61 -28.49
N ILE E 143 -9.86 22.27 -27.37
CA ILE E 143 -9.77 20.92 -26.81
C ILE E 143 -10.24 19.86 -27.80
N THR E 144 -11.08 20.22 -28.77
CA THR E 144 -11.60 19.23 -29.71
C THR E 144 -10.49 18.62 -30.56
N ARG E 145 -9.38 19.34 -30.76
CA ARG E 145 -8.26 18.79 -31.51
C ARG E 145 -7.51 17.72 -30.74
N PHE E 146 -7.77 17.55 -29.45
CA PHE E 146 -7.05 16.61 -28.62
C PHE E 146 -7.79 15.29 -28.42
N LYS E 147 -8.91 15.10 -29.12
CA LYS E 147 -9.33 13.75 -29.48
C LYS E 147 -8.54 13.37 -30.73
N THR E 148 -7.49 12.57 -30.55
CA THR E 148 -6.55 12.32 -31.62
C THR E 148 -7.15 11.39 -32.67
N THR E 149 -6.94 11.72 -33.94
CA THR E 149 -7.34 10.89 -35.06
C THR E 149 -6.17 10.16 -35.70
N ALA E 150 -4.95 10.42 -35.23
CA ALA E 150 -3.76 9.70 -35.65
C ALA E 150 -2.91 9.41 -34.42
N ASP E 151 -2.10 8.36 -34.52
CA ASP E 151 -1.20 8.03 -33.42
C ASP E 151 -0.17 9.15 -33.24
N GLN E 152 0.07 9.51 -31.99
CA GLN E 152 1.07 10.52 -31.66
C GLN E 152 2.34 9.82 -31.20
N THR E 153 3.49 10.34 -31.65
CA THR E 153 4.76 9.78 -31.23
C THR E 153 5.25 10.35 -29.91
N GLN E 154 4.61 11.40 -29.41
CA GLN E 154 4.86 11.93 -28.07
C GLN E 154 3.53 12.10 -27.36
N ASP E 155 3.60 12.25 -26.05
CA ASP E 155 2.40 12.52 -25.26
C ASP E 155 1.85 13.88 -25.64
N PRO E 156 0.68 13.97 -26.28
CA PRO E 156 0.22 15.27 -26.81
C PRO E 156 -0.22 16.27 -25.75
N LEU E 157 -0.38 15.85 -24.49
CA LEU E 157 -0.82 16.76 -23.43
C LEU E 157 0.26 17.11 -22.44
N ALA E 158 1.33 16.33 -22.35
CA ALA E 158 2.36 16.56 -21.34
C ALA E 158 2.92 17.97 -21.35
N PRO E 159 3.11 18.65 -22.48
CA PRO E 159 3.71 19.99 -22.45
C PRO E 159 2.83 21.05 -21.79
N PHE E 160 1.53 20.81 -21.66
CA PHE E 160 0.63 21.81 -21.07
C PHE E 160 1.07 22.19 -19.67
N ASP E 161 1.12 23.49 -19.41
CA ASP E 161 1.10 23.97 -18.03
C ASP E 161 -0.13 23.39 -17.34
N GLY E 162 0.07 22.85 -16.14
CA GLY E 162 -0.99 22.16 -15.44
C GLY E 162 -1.11 20.69 -15.76
N ALA E 163 -0.38 20.20 -16.75
CA ALA E 163 -0.43 18.77 -17.08
C ALA E 163 -0.01 17.95 -15.89
N LYS E 164 -0.84 16.96 -15.54
CA LYS E 164 -0.56 16.07 -14.42
C LYS E 164 -0.52 14.63 -14.92
N LYS E 165 0.44 13.88 -14.41
CA LYS E 165 0.62 12.48 -14.77
C LYS E 165 -0.46 11.62 -14.14
N TRP E 166 -0.86 10.57 -14.86
CA TRP E 166 -1.73 9.54 -14.32
C TRP E 166 -1.33 8.19 -14.90
N PHE E 167 -1.44 7.14 -14.08
CA PHE E 167 -1.04 5.80 -14.49
C PHE E 167 -2.23 5.07 -15.11
N VAL E 168 -2.00 4.51 -16.29
CA VAL E 168 -3.08 3.91 -17.08
C VAL E 168 -3.83 2.87 -16.26
N SER E 169 -3.12 2.10 -15.44
CA SER E 169 -3.75 1.01 -14.72
C SER E 169 -4.50 1.44 -13.48
N ARG E 170 -4.42 2.71 -13.10
CA ARG E 170 -5.09 3.22 -11.91
C ARG E 170 -6.17 4.24 -12.22
N GLY E 171 -6.18 4.83 -13.41
CA GLY E 171 -7.11 5.90 -13.69
C GLY E 171 -6.65 7.20 -13.07
N PHE E 172 -7.59 8.14 -12.97
CA PHE E 172 -7.26 9.45 -12.41
C PHE E 172 -8.52 10.09 -11.84
N LYS E 173 -8.28 11.18 -11.11
CA LYS E 173 -9.33 12.03 -10.55
C LYS E 173 -8.82 13.46 -10.62
N ARG E 174 -9.63 14.36 -11.15
CA ARG E 174 -9.20 15.75 -11.25
C ARG E 174 -10.41 16.68 -11.18
N LEU E 175 -10.25 17.76 -10.42
CA LEU E 175 -11.24 18.81 -10.33
C LEU E 175 -10.75 20.02 -11.13
N LEU E 176 -11.70 20.80 -11.62
CA LEU E 176 -11.38 21.94 -12.46
C LEU E 176 -12.54 22.92 -12.42
N ARG E 177 -12.31 24.10 -12.97
CA ARG E 177 -13.34 25.11 -13.13
C ARG E 177 -13.66 25.25 -14.60
N PRO E 178 -14.70 24.58 -15.11
CA PRO E 178 -14.96 24.62 -16.55
C PRO E 178 -15.59 25.94 -16.96
N LYS E 179 -15.30 26.36 -18.18
CA LYS E 179 -15.59 27.72 -18.62
C LYS E 179 -16.58 27.74 -19.77
N PRO E 180 -17.64 28.55 -19.71
CA PRO E 180 -18.44 28.81 -20.90
C PRO E 180 -17.81 29.89 -21.76
N GLN E 181 -18.16 29.87 -23.05
CA GLN E 181 -17.45 30.66 -24.06
C GLN E 181 -18.34 31.79 -24.55
N ILE E 182 -17.97 33.02 -24.20
CA ILE E 182 -18.68 34.21 -24.64
C ILE E 182 -18.24 34.57 -26.06
N THR E 183 -19.18 35.03 -26.87
CA THR E 183 -18.93 35.27 -28.29
C THR E 183 -18.34 36.65 -28.53
N ILE E 184 -17.32 36.70 -29.39
CA ILE E 184 -16.81 37.93 -29.98
C ILE E 184 -16.89 37.77 -31.49
N GLU E 185 -17.59 38.69 -32.15
CA GLU E 185 -17.75 38.65 -33.61
C GLU E 185 -16.96 39.73 -34.33
N ASP E 186 -16.30 40.63 -33.62
CA ASP E 186 -15.57 41.74 -34.23
C ASP E 186 -14.11 41.31 -34.36
N LEU E 187 -13.77 40.70 -35.49
CA LEU E 187 -12.43 40.22 -35.77
C LEU E 187 -11.89 40.92 -37.00
N THR E 188 -10.58 40.84 -37.19
CA THR E 188 -9.94 41.46 -38.35
C THR E 188 -10.29 40.74 -39.64
N THR E 189 -10.75 39.49 -39.57
CA THR E 189 -11.25 38.77 -40.72
C THR E 189 -12.78 38.74 -40.67
N ALA E 190 -13.40 39.03 -41.81
CA ALA E 190 -14.86 39.11 -41.87
C ALA E 190 -15.50 37.74 -41.70
N ASN E 191 -16.70 37.74 -41.14
CA ASN E 191 -17.54 36.54 -41.06
C ASN E 191 -16.88 35.45 -40.21
N GLN E 192 -16.07 35.85 -39.25
CA GLN E 192 -15.48 34.93 -38.29
C GLN E 192 -15.72 35.46 -36.88
N SER E 193 -15.80 34.54 -35.92
CA SER E 193 -16.03 34.89 -34.54
C SER E 193 -15.00 34.16 -33.68
N ALA E 194 -14.88 34.61 -32.42
CA ALA E 194 -13.95 34.02 -31.47
C ALA E 194 -14.61 34.04 -30.10
N ALA E 195 -13.86 33.60 -29.09
CA ALA E 195 -14.42 33.36 -27.77
C ALA E 195 -13.66 34.14 -26.71
N LEU E 196 -14.33 34.29 -25.56
CA LEU E 196 -13.77 34.90 -24.37
C LEU E 196 -14.46 34.24 -23.18
N TRP E 197 -13.71 33.93 -22.12
CA TRP E 197 -14.32 33.40 -20.92
C TRP E 197 -13.87 34.18 -19.70
N LEU E 198 -14.72 34.15 -18.67
CA LEU E 198 -14.57 34.98 -17.48
C LEU E 198 -13.76 34.25 -16.42
N ASN E 199 -12.92 35.01 -15.72
CA ASN E 199 -12.00 34.41 -14.76
C ASN E 199 -12.74 33.81 -13.57
N SER E 200 -13.80 34.48 -13.10
CA SER E 200 -14.52 34.06 -11.91
C SER E 200 -15.93 33.65 -12.27
N ALA E 201 -16.37 32.53 -11.71
CA ALA E 201 -17.75 32.08 -11.92
C ALA E 201 -18.75 33.05 -11.31
N ARG E 202 -18.36 33.77 -10.26
CA ARG E 202 -19.26 34.73 -9.62
C ARG E 202 -19.55 35.94 -10.49
N THR E 203 -18.87 36.10 -11.62
CA THR E 203 -19.06 37.29 -12.44
C THR E 203 -20.42 37.28 -13.13
N GLY E 204 -20.94 36.12 -13.53
CA GLY E 204 -22.11 36.05 -14.37
C GLY E 204 -23.08 34.96 -13.95
N TRP E 205 -24.22 34.94 -14.64
CA TRP E 205 -25.24 33.92 -14.48
C TRP E 205 -25.73 33.52 -15.86
N ILE E 206 -26.04 32.23 -16.02
CA ILE E 206 -26.61 31.71 -17.26
C ILE E 206 -28.08 31.41 -17.00
N PRO E 207 -29.03 32.13 -17.60
CA PRO E 207 -30.44 31.75 -17.45
C PRO E 207 -30.72 30.42 -18.12
N LEU E 208 -31.43 29.54 -17.41
CA LEU E 208 -31.70 28.20 -17.94
C LEU E 208 -32.46 28.27 -19.26
N GLN E 209 -33.42 29.19 -19.37
CA GLN E 209 -34.27 29.31 -20.55
C GLN E 209 -34.03 30.62 -21.31
N GLY E 210 -32.89 31.26 -21.09
CA GLY E 210 -32.60 32.48 -21.81
C GLY E 210 -32.07 32.23 -23.20
N GLY E 211 -32.09 33.28 -24.02
CA GLY E 211 -31.63 33.20 -25.38
C GLY E 211 -32.71 32.77 -26.34
N PRO E 212 -32.44 32.92 -27.64
CA PRO E 212 -33.47 32.64 -28.65
C PRO E 212 -33.87 31.17 -28.77
N ASN E 213 -33.09 30.25 -28.19
CA ASN E 213 -33.41 28.83 -28.23
C ASN E 213 -33.89 28.28 -26.89
N SER E 214 -33.95 29.11 -25.85
CA SER E 214 -34.29 28.65 -24.50
C SER E 214 -33.43 27.45 -24.10
N ALA E 215 -32.16 27.49 -24.50
CA ALA E 215 -31.25 26.37 -24.37
C ALA E 215 -30.10 26.69 -23.43
N GLY E 216 -30.38 27.45 -22.37
CA GLY E 216 -29.32 27.86 -21.45
C GLY E 216 -28.59 26.68 -20.83
N THR E 217 -29.31 25.60 -20.55
CA THR E 217 -28.70 24.44 -19.91
C THR E 217 -27.72 23.69 -20.82
N LYS E 218 -27.69 24.01 -22.11
CA LYS E 218 -26.84 23.32 -23.06
C LYS E 218 -25.53 24.05 -23.34
N VAL E 219 -25.26 25.15 -22.62
CA VAL E 219 -23.99 25.83 -22.79
C VAL E 219 -22.85 24.88 -22.42
N ARG E 220 -21.84 24.83 -23.27
CA ARG E 220 -20.76 23.87 -23.11
C ARG E 220 -19.63 24.51 -22.32
N HIS E 221 -19.26 23.88 -21.21
CA HIS E 221 -18.18 24.37 -20.35
C HIS E 221 -16.94 23.51 -20.58
N TYR E 222 -15.81 24.17 -20.85
CA TYR E 222 -14.56 23.47 -21.14
C TYR E 222 -13.63 23.57 -19.94
N GLY E 223 -12.87 22.53 -19.60
CA GLY E 223 -12.89 21.23 -20.25
C GLY E 223 -11.65 20.48 -19.79
N ILE E 224 -11.66 19.16 -19.85
CA ILE E 224 -10.51 18.35 -19.44
C ILE E 224 -10.22 17.30 -20.50
N ALA E 225 -8.95 17.19 -20.86
CA ALA E 225 -8.47 16.18 -21.80
C ALA E 225 -7.53 15.25 -21.08
N PHE E 226 -7.42 14.02 -21.57
CA PHE E 226 -6.54 13.02 -20.99
C PHE E 226 -5.90 12.21 -22.10
N SER E 227 -4.62 11.90 -21.92
CA SER E 227 -3.82 11.20 -22.90
C SER E 227 -3.31 9.90 -22.28
N PHE E 228 -2.85 8.99 -23.14
CA PHE E 228 -2.41 7.68 -22.67
C PHE E 228 -1.45 7.06 -23.67
N PRO E 229 -0.42 6.35 -23.21
CA PRO E 229 0.34 5.49 -24.12
C PRO E 229 -0.48 4.27 -24.45
N GLN E 230 -0.44 3.86 -25.72
CA GLN E 230 -1.32 2.78 -26.16
C GLN E 230 -0.91 1.48 -25.48
N PRO E 231 -1.83 0.76 -24.85
CA PRO E 231 -1.47 -0.45 -24.11
C PRO E 231 -1.47 -1.69 -25.01
N GLU E 232 -0.89 -2.77 -24.47
CA GLU E 232 -0.83 -4.04 -25.19
C GLU E 232 -2.16 -4.78 -25.18
N GLN E 233 -3.07 -4.43 -24.27
CA GLN E 233 -4.39 -5.05 -24.23
C GLN E 233 -5.43 -3.98 -23.94
N THR E 234 -6.66 -4.22 -24.39
CA THR E 234 -7.74 -3.27 -24.20
C THR E 234 -8.05 -3.11 -22.71
N ILE E 235 -8.32 -1.87 -22.31
CA ILE E 235 -8.67 -1.55 -20.93
C ILE E 235 -9.98 -0.78 -20.95
N THR E 236 -10.93 -1.22 -20.11
CA THR E 236 -12.20 -0.55 -19.96
C THR E 236 -12.23 0.20 -18.63
N TYR E 237 -12.91 1.34 -18.63
CA TYR E 237 -12.99 2.19 -17.46
C TYR E 237 -14.44 2.58 -17.18
N VAL E 238 -14.71 2.88 -15.91
CA VAL E 238 -15.93 3.57 -15.50
C VAL E 238 -15.56 5.02 -15.22
N THR E 239 -16.28 5.94 -15.87
CA THR E 239 -16.06 7.37 -15.69
C THR E 239 -17.25 7.98 -14.96
N LYS E 240 -16.96 8.75 -13.93
CA LYS E 240 -17.98 9.51 -13.20
C LYS E 240 -17.63 10.99 -13.29
N LEU E 241 -18.57 11.78 -13.80
CA LEU E 241 -18.45 13.22 -13.80
C LEU E 241 -19.35 13.80 -12.70
N THR E 242 -18.89 14.89 -12.10
CA THR E 242 -19.67 15.57 -11.08
C THR E 242 -19.63 17.07 -11.33
N LEU E 243 -20.79 17.71 -11.20
CA LEU E 243 -20.91 19.16 -11.25
C LEU E 243 -21.31 19.69 -9.88
N TYR E 244 -20.74 20.83 -9.52
CA TYR E 244 -21.19 21.60 -8.37
C TYR E 244 -21.75 22.91 -8.94
N VAL E 245 -23.07 23.05 -8.85
CA VAL E 245 -23.80 24.08 -9.59
C VAL E 245 -24.59 24.92 -8.60
N GLN E 246 -24.48 26.23 -8.75
CA GLN E 246 -25.32 27.17 -8.02
C GLN E 246 -26.49 27.57 -8.92
N PHE E 247 -27.68 27.59 -8.34
CA PHE E 247 -28.88 28.03 -9.03
C PHE E 247 -29.43 29.27 -8.35
N ARG E 248 -29.99 30.17 -9.15
CA ARG E 248 -30.47 31.46 -8.68
C ARG E 248 -31.96 31.57 -8.97
N GLN E 249 -32.74 31.87 -7.93
CA GLN E 249 -34.15 32.22 -8.06
C GLN E 249 -35.03 31.02 -8.38
N PHE E 250 -35.63 30.44 -7.35
CA PHE E 250 -36.68 29.46 -7.54
C PHE E 250 -37.78 30.07 -8.40
N ALA E 251 -38.30 29.29 -9.34
CA ALA E 251 -39.17 29.82 -10.38
C ALA E 251 -40.32 28.88 -10.65
N PRO E 252 -41.48 29.40 -11.06
CA PRO E 252 -42.59 28.55 -11.47
C PRO E 252 -42.31 27.87 -12.80
N ASN E 253 -43.21 26.95 -13.14
CA ASN E 253 -43.26 26.46 -14.51
C ASN E 253 -43.62 27.60 -15.46
N ASN E 254 -43.32 27.40 -16.73
CA ASN E 254 -43.79 28.35 -17.73
C ASN E 254 -45.32 28.36 -17.72
N PRO E 255 -45.95 29.51 -17.97
CA PRO E 255 -47.41 29.56 -17.97
C PRO E 255 -48.01 28.56 -18.96
N SER E 256 -49.21 28.10 -18.63
CA SER E 256 -49.96 27.26 -19.55
C SER E 256 -50.41 28.06 -20.75
N THR E 257 -50.52 27.38 -21.90
CA THR E 257 -50.81 28.05 -23.16
C THR E 257 -52.12 27.55 -23.77
N PHE G 52 46.21 18.58 8.21
CA PHE G 52 46.66 17.33 7.62
C PHE G 52 47.63 16.61 8.54
N SER G 53 47.14 16.23 9.71
CA SER G 53 47.95 15.63 10.76
C SER G 53 47.89 14.11 10.72
N THR G 54 48.70 13.50 11.57
CA THR G 54 48.73 12.05 11.69
C THR G 54 47.36 11.47 11.96
N ASN G 55 46.51 12.21 12.68
CA ASN G 55 45.22 11.71 13.14
C ASN G 55 44.08 12.05 12.17
N ARG G 56 44.39 12.51 10.96
CA ARG G 56 43.35 12.94 10.03
C ARG G 56 42.51 11.75 9.59
N ILE G 57 41.19 11.95 9.57
CA ILE G 57 40.23 10.87 9.35
C ILE G 57 39.45 11.14 8.07
N TYR G 58 39.19 10.06 7.33
CA TYR G 58 38.38 10.10 6.12
C TYR G 58 37.31 9.02 6.25
N THR G 59 36.15 9.26 5.64
CA THR G 59 35.05 8.32 5.72
C THR G 59 34.55 7.98 4.32
N LEU G 60 34.42 6.68 4.04
CA LEU G 60 33.95 6.21 2.75
C LEU G 60 32.79 5.24 2.96
N ARG G 61 31.91 5.21 1.97
CA ARG G 61 30.87 4.20 1.86
C ARG G 61 31.30 3.20 0.79
N LEU G 62 31.19 1.91 1.10
CA LEU G 62 31.59 0.84 0.19
C LEU G 62 30.49 -0.20 0.12
N THR G 63 30.31 -0.80 -1.06
CA THR G 63 29.21 -1.73 -1.28
C THR G 63 29.64 -2.87 -2.18
N ARG G 64 28.93 -4.00 -2.05
CA ARG G 64 29.06 -5.12 -2.96
C ARG G 64 27.74 -5.87 -2.96
N GLN G 65 27.55 -6.70 -3.98
CA GLN G 65 26.30 -7.45 -4.14
C GLN G 65 26.59 -8.88 -4.54
N PHE G 66 25.58 -9.72 -4.39
CA PHE G 66 25.68 -11.12 -4.79
C PHE G 66 24.28 -11.72 -4.75
N GLN G 67 24.17 -12.91 -5.32
CA GLN G 67 22.92 -13.64 -5.38
C GLN G 67 22.80 -14.60 -4.19
N PHE G 68 21.57 -14.78 -3.73
CA PHE G 68 21.27 -15.77 -2.69
C PHE G 68 19.99 -16.49 -3.08
N LYS G 69 19.94 -17.79 -2.77
CA LYS G 69 18.79 -18.62 -3.13
C LYS G 69 18.30 -19.38 -1.92
N ILE G 70 16.98 -19.38 -1.73
CA ILE G 70 16.31 -20.26 -0.79
C ILE G 70 15.62 -21.34 -1.61
N ASN G 71 15.96 -22.59 -1.36
CA ASN G 71 15.54 -23.68 -2.23
C ASN G 71 14.14 -24.17 -1.87
N LYS G 72 13.42 -24.62 -2.91
CA LYS G 72 12.18 -25.35 -2.72
C LYS G 72 12.35 -26.44 -1.67
N GLN G 73 11.34 -26.58 -0.81
CA GLN G 73 11.36 -27.64 0.20
C GLN G 73 11.20 -28.99 -0.48
N THR G 74 12.21 -29.86 -0.31
CA THR G 74 12.17 -31.22 -0.83
C THR G 74 12.32 -32.25 0.29
N THR G 75 12.36 -31.82 1.54
CA THR G 75 12.49 -32.70 2.69
C THR G 75 11.33 -32.47 3.65
N SER G 76 10.99 -33.51 4.41
CA SER G 76 9.91 -33.44 5.39
C SER G 76 8.70 -32.71 4.81
N VAL G 77 8.30 -33.12 3.60
CA VAL G 77 7.32 -32.36 2.84
C VAL G 77 5.99 -32.36 3.59
N GLY G 78 5.25 -31.25 3.43
CA GLY G 78 4.03 -31.03 4.17
C GLY G 78 4.23 -30.40 5.54
N ASN G 79 5.46 -30.36 6.05
CA ASN G 79 5.74 -29.88 7.39
C ASN G 79 6.49 -28.55 7.35
N LEU G 80 6.35 -27.80 8.43
CA LEU G 80 7.07 -26.55 8.61
C LEU G 80 8.49 -26.85 9.09
N ILE G 81 9.48 -26.43 8.32
CA ILE G 81 10.88 -26.51 8.72
C ILE G 81 11.52 -25.16 8.47
N PHE G 82 12.65 -24.93 9.14
CA PHE G 82 13.41 -23.70 8.99
C PHE G 82 14.86 -24.03 8.70
N ASN G 83 15.52 -23.12 7.99
CA ASN G 83 16.97 -23.12 7.86
C ASN G 83 17.46 -21.69 8.02
N ALA G 84 18.77 -21.52 8.02
CA ALA G 84 19.35 -20.21 8.26
C ALA G 84 20.74 -20.12 7.61
N ASP G 85 21.17 -18.88 7.39
CA ASP G 85 22.49 -18.58 6.87
C ASP G 85 22.97 -17.30 7.53
N TYR G 86 24.15 -16.82 7.15
CA TYR G 86 24.71 -15.65 7.82
C TYR G 86 25.69 -14.94 6.90
N ILE G 87 26.03 -13.71 7.29
CA ILE G 87 26.96 -12.86 6.57
C ILE G 87 27.94 -12.26 7.57
N THR G 88 29.19 -12.13 7.15
CA THR G 88 30.19 -11.37 7.89
C THR G 88 30.77 -10.29 6.98
N PHE G 89 31.59 -9.42 7.57
CA PHE G 89 32.04 -8.20 6.90
C PHE G 89 33.55 -8.04 7.06
N ALA G 90 34.24 -7.90 5.94
CA ALA G 90 35.67 -7.63 5.94
C ALA G 90 35.97 -6.63 4.83
N LEU G 91 36.76 -5.61 5.15
CA LEU G 91 37.08 -4.58 4.18
C LEU G 91 37.56 -5.18 2.86
N ASP G 92 38.37 -6.23 2.93
CA ASP G 92 38.93 -6.84 1.72
C ASP G 92 37.84 -7.41 0.82
N ASP G 93 36.75 -7.91 1.41
CA ASP G 93 35.64 -8.41 0.60
C ASP G 93 35.15 -7.32 -0.37
N PHE G 94 35.18 -6.07 0.07
CA PHE G 94 34.64 -4.97 -0.72
C PHE G 94 35.67 -4.35 -1.65
N LEU G 95 36.91 -4.21 -1.20
CA LEU G 95 37.95 -3.68 -2.08
C LEU G 95 38.22 -4.61 -3.25
N GLN G 96 38.02 -5.92 -3.07
CA GLN G 96 38.26 -6.85 -4.16
C GLN G 96 37.09 -6.93 -5.14
N ALA G 97 35.96 -6.30 -4.85
CA ALA G 97 34.85 -6.27 -5.78
C ALA G 97 35.25 -5.46 -7.02
N VAL G 98 34.77 -5.92 -8.18
CA VAL G 98 35.27 -5.39 -9.46
C VAL G 98 35.25 -3.87 -9.50
N PRO G 99 34.14 -3.19 -9.20
CA PRO G 99 34.08 -1.74 -9.44
C PRO G 99 34.69 -0.88 -8.34
N ASN G 100 35.22 -1.47 -7.29
CA ASN G 100 35.76 -0.68 -6.18
C ASN G 100 37.26 -0.51 -6.31
N PRO G 101 37.83 0.51 -5.67
CA PRO G 101 39.29 0.61 -5.61
C PRO G 101 39.85 -0.60 -4.86
N HIS G 102 40.85 -1.24 -5.45
CA HIS G 102 41.35 -2.49 -4.93
C HIS G 102 42.43 -2.32 -3.87
N THR G 103 43.03 -1.13 -3.81
CA THR G 103 43.88 -0.74 -2.69
C THR G 103 43.52 0.67 -2.27
N LEU G 104 43.72 0.96 -0.99
CA LEU G 104 43.50 2.29 -0.44
C LEU G 104 44.78 2.80 0.19
N ASN G 105 45.02 4.10 0.04
CA ASN G 105 46.24 4.73 0.55
C ASN G 105 45.97 5.41 1.89
N PHE G 106 45.54 4.59 2.85
CA PHE G 106 45.38 5.01 4.24
C PHE G 106 46.11 4.01 5.14
N GLU G 107 46.49 4.48 6.32
CA GLU G 107 47.24 3.65 7.25
C GLU G 107 46.34 2.78 8.12
N ASP G 108 45.21 3.31 8.58
CA ASP G 108 44.32 2.58 9.48
C ASP G 108 42.87 2.72 9.02
N TYR G 109 42.03 1.83 9.53
CA TYR G 109 40.61 1.88 9.26
C TYR G 109 39.83 1.32 10.44
N ARG G 110 38.55 1.64 10.50
CA ARG G 110 37.63 1.01 11.43
C ARG G 110 36.23 1.08 10.84
N ILE G 111 35.46 0.01 11.02
CA ILE G 111 34.13 -0.11 10.45
C ILE G 111 33.13 0.44 11.47
N LYS G 112 32.50 1.56 11.14
CA LYS G 112 31.53 2.18 12.04
C LYS G 112 30.18 1.50 11.97
N LEU G 113 29.78 1.03 10.79
CA LEU G 113 28.40 0.60 10.56
C LEU G 113 28.38 -0.31 9.34
N ALA G 114 27.50 -1.30 9.37
CA ALA G 114 27.28 -2.18 8.23
C ALA G 114 25.79 -2.31 7.97
N LYS G 115 25.47 -2.66 6.73
CA LYS G 115 24.10 -2.73 6.27
C LYS G 115 23.95 -3.93 5.36
N MET G 116 22.87 -4.69 5.55
CA MET G 116 22.54 -5.79 4.67
C MET G 116 21.12 -5.59 4.16
N GLU G 117 20.94 -5.65 2.84
CA GLU G 117 19.63 -5.59 2.23
C GLU G 117 19.51 -6.73 1.23
N MET G 118 18.49 -7.56 1.41
CA MET G 118 18.24 -8.71 0.55
C MET G 118 16.82 -8.59 0.03
N ARG G 119 16.67 -8.52 -1.29
CA ARG G 119 15.36 -8.35 -1.89
C ARG G 119 15.13 -9.39 -2.98
N PRO G 120 13.92 -9.92 -3.09
CA PRO G 120 13.68 -11.01 -4.04
C PRO G 120 13.83 -10.55 -5.49
N THR G 121 14.12 -11.51 -6.35
CA THR G 121 14.20 -11.27 -7.78
C THR G 121 13.66 -12.50 -8.48
N GLY G 122 13.97 -12.64 -9.77
CA GLY G 122 13.52 -13.79 -10.53
C GLY G 122 12.02 -13.81 -10.79
N GLY G 123 11.35 -12.67 -10.69
CA GLY G 123 9.93 -12.62 -10.93
C GLY G 123 9.05 -13.04 -9.77
N HIS G 124 9.63 -13.30 -8.60
CA HIS G 124 8.84 -13.72 -7.45
C HIS G 124 7.89 -12.60 -7.04
N TYR G 125 6.68 -12.99 -6.60
CA TYR G 125 5.64 -12.03 -6.27
C TYR G 125 5.73 -11.62 -4.81
N THR G 126 5.74 -10.30 -4.58
CA THR G 126 5.78 -9.79 -3.21
C THR G 126 4.48 -10.09 -2.47
N VAL G 127 3.37 -10.18 -3.20
CA VAL G 127 2.07 -10.48 -2.58
C VAL G 127 1.85 -11.97 -2.39
N GLN G 128 2.82 -12.81 -2.75
CA GLN G 128 2.75 -14.24 -2.55
C GLN G 128 3.36 -14.57 -1.19
N SER G 129 2.52 -14.95 -0.23
CA SER G 129 2.99 -15.17 1.13
C SER G 129 3.75 -16.48 1.24
N ASP G 130 4.94 -16.42 1.83
CA ASP G 130 5.73 -17.61 2.16
C ASP G 130 6.23 -17.53 3.60
N GLY G 131 5.42 -17.00 4.50
CA GLY G 131 5.76 -16.95 5.89
C GLY G 131 6.83 -15.92 6.20
N PHE G 132 7.37 -16.04 7.41
CA PHE G 132 8.37 -15.10 7.90
C PHE G 132 9.43 -15.85 8.68
N GLY G 133 10.66 -15.36 8.59
CA GLY G 133 11.75 -15.82 9.42
C GLY G 133 12.25 -14.67 10.29
N HIS G 134 13.53 -14.69 10.66
CA HIS G 134 14.08 -13.65 11.52
C HIS G 134 15.52 -13.33 11.11
N THR G 135 15.93 -12.11 11.42
CA THR G 135 17.33 -11.71 11.38
C THR G 135 17.82 -11.52 12.80
N ALA G 136 19.12 -11.72 12.99
CA ALA G 136 19.71 -11.57 14.31
C ALA G 136 21.15 -11.09 14.15
N VAL G 137 21.54 -10.17 15.02
CA VAL G 137 22.91 -9.66 15.05
C VAL G 137 23.71 -10.56 15.97
N ILE G 138 24.67 -11.29 15.41
CA ILE G 138 25.53 -12.21 16.14
C ILE G 138 26.95 -11.73 15.91
N GLN G 139 27.54 -11.08 16.91
CA GLN G 139 28.80 -10.37 16.76
C GLN G 139 29.99 -11.19 17.23
N ASP G 140 29.98 -12.50 16.96
CA ASP G 140 31.11 -13.37 17.28
C ASP G 140 31.03 -14.60 16.39
N SER G 141 32.09 -15.41 16.44
CA SER G 141 32.24 -16.52 15.50
C SER G 141 31.27 -17.66 15.77
N ARG G 142 30.51 -17.63 16.86
CA ARG G 142 29.42 -18.58 17.04
C ARG G 142 28.45 -18.52 15.87
N ILE G 143 28.42 -17.43 15.11
CA ILE G 143 27.50 -17.28 14.00
C ILE G 143 27.65 -18.40 12.98
N THR G 144 28.83 -19.03 12.90
CA THR G 144 29.06 -20.04 11.88
C THR G 144 28.16 -21.26 12.09
N ARG G 145 27.73 -21.50 13.33
CA ARG G 145 26.82 -22.61 13.59
C ARG G 145 25.42 -22.36 13.04
N PHE G 146 25.11 -21.13 12.63
CA PHE G 146 23.76 -20.79 12.19
C PHE G 146 23.62 -20.78 10.66
N LYS G 147 24.63 -21.26 9.94
CA LYS G 147 24.39 -21.82 8.61
C LYS G 147 24.00 -23.27 8.85
N THR G 148 22.69 -23.53 8.80
CA THR G 148 22.19 -24.84 9.20
C THR G 148 22.58 -25.90 8.19
N THR G 149 23.01 -27.05 8.71
CA THR G 149 23.33 -28.22 7.89
C THR G 149 22.24 -29.29 7.99
N ALA G 150 21.23 -29.07 8.82
CA ALA G 150 20.07 -29.94 8.89
C ALA G 150 18.84 -29.09 9.11
N ASP G 151 17.69 -29.60 8.68
CA ASP G 151 16.44 -28.87 8.83
C ASP G 151 16.12 -28.65 10.30
N GLN G 152 15.61 -27.46 10.62
CA GLN G 152 15.20 -27.12 11.98
C GLN G 152 13.69 -27.18 12.08
N THR G 153 13.20 -27.72 13.20
CA THR G 153 11.76 -27.76 13.43
C THR G 153 11.24 -26.49 14.10
N GLN G 154 12.12 -25.58 14.49
CA GLN G 154 11.75 -24.25 14.97
C GLN G 154 12.63 -23.21 14.28
N ASP G 155 12.21 -21.96 14.35
CA ASP G 155 13.03 -20.88 13.84
C ASP G 155 14.30 -20.79 14.68
N PRO G 156 15.49 -21.04 14.12
CA PRO G 156 16.70 -21.10 14.96
C PRO G 156 17.16 -19.75 15.48
N LEU G 157 16.67 -18.65 14.94
CA LEU G 157 17.10 -17.31 15.35
C LEU G 157 16.07 -16.55 16.17
N ALA G 158 14.78 -16.89 16.04
CA ALA G 158 13.74 -16.15 16.74
C ALA G 158 14.01 -15.93 18.23
N PRO G 159 14.63 -16.87 18.95
CA PRO G 159 14.84 -16.63 20.40
C PRO G 159 15.84 -15.53 20.72
N PHE G 160 16.71 -15.16 19.79
CA PHE G 160 17.73 -14.14 20.08
C PHE G 160 17.09 -12.84 20.52
N ASP G 161 17.62 -12.26 21.60
CA ASP G 161 17.40 -10.84 21.85
C ASP G 161 17.81 -10.05 20.62
N GLY G 162 16.96 -9.11 20.21
CA GLY G 162 17.20 -8.36 19.00
C GLY G 162 16.76 -9.04 17.72
N ALA G 163 16.19 -10.25 17.81
CA ALA G 163 15.70 -10.92 16.61
C ALA G 163 14.53 -10.14 16.03
N LYS G 164 14.55 -9.93 14.72
CA LYS G 164 13.54 -9.15 14.02
C LYS G 164 12.92 -9.99 12.92
N LYS G 165 11.60 -10.03 12.91
CA LYS G 165 10.85 -10.75 11.89
C LYS G 165 11.06 -10.11 10.51
N TRP G 166 11.10 -10.97 9.48
CA TRP G 166 11.10 -10.51 8.10
C TRP G 166 10.30 -11.49 7.26
N PHE G 167 9.64 -10.95 6.24
CA PHE G 167 8.75 -11.75 5.40
C PHE G 167 9.52 -12.28 4.18
N VAL G 168 9.47 -13.59 3.99
CA VAL G 168 10.24 -14.26 2.95
C VAL G 168 10.05 -13.58 1.60
N SER G 169 8.82 -13.21 1.28
CA SER G 169 8.51 -12.71 -0.05
C SER G 169 8.87 -11.24 -0.25
N ARG G 170 9.36 -10.56 0.78
CA ARG G 170 9.75 -9.16 0.65
C ARG G 170 11.20 -8.90 0.97
N GLY G 171 11.90 -9.82 1.62
CA GLY G 171 13.27 -9.59 1.98
C GLY G 171 13.36 -8.75 3.24
N PHE G 172 14.55 -8.20 3.47
CA PHE G 172 14.76 -7.41 4.68
C PHE G 172 15.91 -6.44 4.47
N LYS G 173 15.98 -5.47 5.37
CA LYS G 173 17.06 -4.50 5.44
C LYS G 173 17.41 -4.31 6.91
N ARG G 174 18.69 -4.41 7.25
CA ARG G 174 19.09 -4.23 8.64
C ARG G 174 20.49 -3.65 8.70
N LEU G 175 20.67 -2.69 9.61
CA LEU G 175 21.97 -2.11 9.90
C LEU G 175 22.48 -2.65 11.24
N LEU G 176 23.79 -2.65 11.40
CA LEU G 176 24.40 -3.18 12.62
C LEU G 176 25.80 -2.61 12.74
N ARG G 177 26.38 -2.80 13.93
CA ARG G 177 27.77 -2.45 14.19
C ARG G 177 28.58 -3.73 14.29
N PRO G 178 29.25 -4.15 13.22
CA PRO G 178 29.96 -5.43 13.25
C PRO G 178 31.29 -5.31 14.01
N LYS G 179 31.69 -6.42 14.62
CA LYS G 179 32.75 -6.40 15.61
C LYS G 179 33.93 -7.27 15.17
N PRO G 180 35.16 -6.76 15.23
CA PRO G 180 36.32 -7.64 15.07
C PRO G 180 36.65 -8.32 16.38
N GLN G 181 37.35 -9.46 16.27
CA GLN G 181 37.54 -10.37 17.39
C GLN G 181 38.98 -10.30 17.86
N ILE G 182 39.19 -9.69 19.03
CA ILE G 182 40.50 -9.64 19.68
C ILE G 182 40.81 -10.97 20.33
N THR G 183 42.08 -11.37 20.29
CA THR G 183 42.49 -12.71 20.74
C THR G 183 42.82 -12.72 22.22
N ILE G 184 42.31 -13.74 22.92
CA ILE G 184 42.75 -14.09 24.26
C ILE G 184 43.26 -15.52 24.23
N GLU G 185 44.50 -15.72 24.69
CA GLU G 185 45.10 -17.05 24.70
C GLU G 185 45.17 -17.67 26.10
N ASP G 186 44.83 -16.92 27.15
CA ASP G 186 45.02 -17.37 28.52
C ASP G 186 43.70 -17.94 29.03
N LEU G 187 43.48 -19.23 28.77
CA LEU G 187 42.28 -19.93 29.18
C LEU G 187 42.64 -21.00 30.19
N THR G 188 41.62 -21.53 30.89
CA THR G 188 41.84 -22.59 31.85
C THR G 188 42.20 -23.91 31.20
N THR G 189 41.92 -24.06 29.90
CA THR G 189 42.37 -25.21 29.13
C THR G 189 43.56 -24.80 28.28
N ALA G 190 44.62 -25.59 28.32
CA ALA G 190 45.82 -25.29 27.57
C ALA G 190 45.57 -25.40 26.07
N ASN G 191 46.31 -24.59 25.30
CA ASN G 191 46.31 -24.65 23.85
C ASN G 191 44.97 -24.27 23.24
N GLN G 192 44.16 -23.50 23.96
CA GLN G 192 42.92 -22.97 23.43
C GLN G 192 42.95 -21.45 23.54
N SER G 193 42.15 -20.80 22.69
CA SER G 193 42.05 -19.36 22.69
C SER G 193 40.59 -18.97 22.54
N ALA G 194 40.30 -17.71 22.87
CA ALA G 194 38.93 -17.19 22.80
C ALA G 194 39.00 -15.76 22.25
N ALA G 195 37.87 -15.07 22.30
CA ALA G 195 37.73 -13.78 21.64
C ALA G 195 37.17 -12.75 22.60
N LEU G 196 37.48 -11.49 22.30
CA LEU G 196 36.91 -10.33 22.96
C LEU G 196 36.68 -9.26 21.91
N TRP G 197 35.59 -8.51 22.03
CA TRP G 197 35.37 -7.37 21.15
C TRP G 197 34.98 -6.15 21.96
N LEU G 198 35.20 -4.99 21.35
CA LEU G 198 35.09 -3.70 22.01
C LEU G 198 33.72 -3.08 21.75
N ASN G 199 33.17 -2.46 22.79
CA ASN G 199 31.83 -1.90 22.69
C ASN G 199 31.75 -0.78 21.66
N SER G 200 32.81 0.02 21.51
CA SER G 200 32.78 1.19 20.66
C SER G 200 33.84 1.09 19.56
N ALA G 201 33.46 1.46 18.35
CA ALA G 201 34.41 1.52 17.25
C ALA G 201 35.49 2.57 17.49
N ARG G 202 35.13 3.67 18.16
CA ARG G 202 36.06 4.76 18.38
C ARG G 202 37.20 4.39 19.33
N THR G 203 37.15 3.20 19.92
CA THR G 203 38.17 2.82 20.90
C THR G 203 39.49 2.44 20.23
N GLY G 204 39.46 1.88 19.02
CA GLY G 204 40.66 1.36 18.40
C GLY G 204 40.71 1.60 16.90
N TRP G 205 41.84 1.22 16.32
CA TRP G 205 42.08 1.31 14.89
C TRP G 205 42.72 0.01 14.42
N ILE G 206 42.44 -0.36 13.17
CA ILE G 206 43.02 -1.54 12.54
C ILE G 206 43.97 -1.05 11.44
N PRO G 207 45.28 -1.26 11.56
CA PRO G 207 46.17 -0.89 10.45
C PRO G 207 45.93 -1.79 9.24
N LEU G 208 45.80 -1.16 8.07
CA LEU G 208 45.55 -1.93 6.84
C LEU G 208 46.66 -2.95 6.59
N GLN G 209 47.91 -2.58 6.86
CA GLN G 209 49.05 -3.44 6.60
C GLN G 209 49.78 -3.85 7.87
N GLY G 210 49.13 -3.71 9.03
CA GLY G 210 49.75 -4.14 10.27
C GLY G 210 49.74 -5.65 10.40
N GLY G 211 50.65 -6.14 11.25
CA GLY G 211 50.73 -7.55 11.53
C GLY G 211 51.71 -8.27 10.64
N PRO G 212 51.99 -9.54 10.95
CA PRO G 212 53.00 -10.29 10.21
C PRO G 212 52.60 -10.68 8.79
N ASN G 213 51.33 -10.53 8.42
CA ASN G 213 50.86 -10.88 7.08
C ASN G 213 50.42 -9.67 6.27
N SER G 214 50.52 -8.46 6.82
CA SER G 214 50.06 -7.25 6.14
C SER G 214 48.62 -7.43 5.65
N ALA G 215 47.79 -8.04 6.48
CA ALA G 215 46.45 -8.47 6.10
C ALA G 215 45.38 -7.83 6.99
N GLY G 216 45.60 -6.58 7.41
CA GLY G 216 44.63 -5.92 8.28
C GLY G 216 43.26 -5.78 7.65
N THR G 217 43.20 -5.66 6.32
CA THR G 217 41.92 -5.51 5.64
C THR G 217 41.10 -6.79 5.62
N LYS G 218 41.69 -7.93 6.02
CA LYS G 218 40.99 -9.20 6.05
C LYS G 218 40.40 -9.51 7.43
N VAL G 219 40.47 -8.58 8.37
CA VAL G 219 39.86 -8.80 9.68
C VAL G 219 38.37 -9.04 9.50
N ARG G 220 37.89 -10.14 10.07
CA ARG G 220 36.50 -10.55 9.93
C ARG G 220 35.67 -9.87 11.01
N HIS G 221 34.67 -9.10 10.59
CA HIS G 221 33.77 -8.40 11.48
C HIS G 221 32.41 -9.12 11.51
N TYR G 222 31.91 -9.37 12.71
CA TYR G 222 30.66 -10.12 12.91
C TYR G 222 29.54 -9.20 13.40
N GLY G 223 28.29 -9.40 12.97
CA GLY G 223 27.87 -10.35 11.96
C GLY G 223 26.36 -10.39 11.98
N ILE G 224 25.71 -10.81 10.90
CA ILE G 224 24.25 -10.88 10.83
C ILE G 224 23.85 -12.24 10.27
N ALA G 225 22.89 -12.88 10.93
CA ALA G 225 22.31 -14.14 10.48
C ALA G 225 20.84 -13.94 10.17
N PHE G 226 20.32 -14.77 9.27
CA PHE G 226 18.91 -14.70 8.89
C PHE G 226 18.37 -16.10 8.67
N SER G 227 17.15 -16.32 9.12
CA SER G 227 16.48 -17.61 9.07
C SER G 227 15.23 -17.50 8.20
N PHE G 228 14.72 -18.67 7.78
CA PHE G 228 13.55 -18.66 6.91
C PHE G 228 12.80 -19.97 7.01
N PRO G 229 11.46 -19.96 6.97
CA PRO G 229 10.73 -21.21 6.75
C PRO G 229 10.89 -21.65 5.30
N GLN G 230 11.09 -22.94 5.10
CA GLN G 230 11.38 -23.43 3.77
C GLN G 230 10.15 -23.25 2.87
N PRO G 231 10.28 -22.58 1.73
CA PRO G 231 9.12 -22.32 0.87
C PRO G 231 8.80 -23.47 -0.06
N GLU G 232 7.60 -23.42 -0.65
CA GLU G 232 7.17 -24.42 -1.61
C GLU G 232 7.88 -24.28 -2.94
N GLN G 233 8.42 -23.11 -3.25
CA GLN G 233 9.16 -22.90 -4.50
C GLN G 233 10.43 -22.12 -4.22
N THR G 234 11.42 -22.32 -5.07
CA THR G 234 12.71 -21.65 -4.93
C THR G 234 12.54 -20.14 -5.10
N ILE G 235 13.25 -19.38 -4.27
CA ILE G 235 13.24 -17.93 -4.33
C ILE G 235 14.67 -17.44 -4.44
N THR G 236 14.96 -16.62 -5.45
CA THR G 236 16.26 -16.00 -5.62
C THR G 236 16.20 -14.56 -5.15
N TYR G 237 17.33 -14.08 -4.62
CA TYR G 237 17.43 -12.74 -4.07
C TYR G 237 18.66 -12.03 -4.58
N VAL G 238 18.56 -10.69 -4.66
CA VAL G 238 19.72 -9.82 -4.77
C VAL G 238 20.06 -9.30 -3.38
N THR G 239 21.31 -9.47 -2.96
CA THR G 239 21.79 -8.97 -1.68
C THR G 239 22.79 -7.85 -1.92
N LYS G 240 22.62 -6.75 -1.20
CA LYS G 240 23.56 -5.64 -1.21
C LYS G 240 24.08 -5.42 0.19
N LEU G 241 25.40 -5.41 0.34
CA LEU G 241 26.05 -5.08 1.59
C LEU G 241 26.70 -3.71 1.47
N THR G 242 26.66 -2.95 2.55
CA THR G 242 27.24 -1.61 2.58
C THR G 242 28.05 -1.44 3.85
N LEU G 243 29.27 -0.94 3.71
CA LEU G 243 30.12 -0.60 4.84
C LEU G 243 30.24 0.91 4.95
N TYR G 244 30.24 1.40 6.17
CA TYR G 244 30.58 2.78 6.48
C TYR G 244 31.88 2.73 7.28
N VAL G 245 32.96 3.14 6.64
CA VAL G 245 34.32 2.88 7.12
C VAL G 245 35.04 4.22 7.28
N GLN G 246 35.65 4.42 8.44
CA GLN G 246 36.54 5.54 8.67
C GLN G 246 37.98 5.10 8.43
N PHE G 247 38.74 5.96 7.76
CA PHE G 247 40.14 5.70 7.49
C PHE G 247 40.97 6.80 8.12
N ARG G 248 42.14 6.42 8.63
CA ARG G 248 43.02 7.34 9.34
C ARG G 248 44.35 7.44 8.60
N GLN G 249 44.78 8.68 8.35
CA GLN G 249 46.13 8.95 7.86
C GLN G 249 46.32 8.53 6.41
N PHE G 250 46.14 9.48 5.50
CA PHE G 250 46.55 9.27 4.11
C PHE G 250 48.03 8.90 4.07
N ALA G 251 48.38 7.99 3.19
CA ALA G 251 49.69 7.34 3.25
C ALA G 251 50.23 7.08 1.85
N PRO G 252 51.56 7.10 1.69
CA PRO G 252 52.15 6.75 0.40
C PRO G 252 52.09 5.25 0.13
N ASN G 253 52.45 4.89 -1.10
CA ASN G 253 52.73 3.51 -1.40
C ASN G 253 53.95 3.04 -0.62
N ASN G 254 54.08 1.72 -0.49
CA ASN G 254 55.29 1.18 0.10
C ASN G 254 56.49 1.59 -0.76
N PRO G 255 57.65 1.81 -0.14
CA PRO G 255 58.83 2.18 -0.93
C PRO G 255 59.13 1.15 -2.02
N SER G 256 59.73 1.62 -3.11
CA SER G 256 60.19 0.72 -4.14
C SER G 256 61.38 -0.09 -3.64
N THR G 257 61.56 -1.27 -4.21
CA THR G 257 62.62 -2.19 -3.80
C THR G 257 63.53 -2.56 -4.97
N PHE I 52 10.84 45.53 -19.26
CA PHE I 52 11.22 44.75 -20.43
C PHE I 52 12.65 45.10 -20.85
N SER I 53 13.60 44.71 -20.00
CA SER I 53 15.00 45.06 -20.16
C SER I 53 15.77 43.92 -20.80
N THR I 54 17.03 44.21 -21.13
CA THR I 54 17.91 43.22 -21.72
C THR I 54 17.96 41.94 -20.89
N ASN I 55 17.92 42.08 -19.57
CA ASN I 55 18.11 40.96 -18.65
C ASN I 55 16.81 40.27 -18.26
N ARG I 56 15.69 40.58 -18.93
CA ARG I 56 14.42 39.97 -18.57
C ARG I 56 14.49 38.46 -18.74
N ILE I 57 13.97 37.73 -17.75
CA ILE I 57 14.07 36.29 -17.69
C ILE I 57 12.68 35.66 -17.79
N TYR I 58 12.60 34.57 -18.55
CA TYR I 58 11.40 33.75 -18.67
C TYR I 58 11.77 32.32 -18.31
N THR I 59 10.82 31.60 -17.70
CA THR I 59 11.04 30.22 -17.30
C THR I 59 9.98 29.32 -17.91
N LEU I 60 10.42 28.23 -18.54
CA LEU I 60 9.53 27.27 -19.16
C LEU I 60 9.85 25.86 -18.70
N ARG I 61 8.83 25.02 -18.72
CA ARG I 61 8.96 23.59 -18.50
C ARG I 61 8.80 22.88 -19.84
N LEU I 62 9.72 21.98 -20.15
CA LEU I 62 9.71 21.24 -21.42
C LEU I 62 9.88 19.76 -21.14
N THR I 63 9.25 18.94 -21.97
CA THR I 63 9.24 17.50 -21.72
C THR I 63 9.26 16.72 -23.02
N ARG I 64 9.76 15.49 -22.94
CA ARG I 64 9.71 14.53 -24.04
C ARG I 64 9.69 13.13 -23.45
N GLN I 65 9.29 12.16 -24.26
CA GLN I 65 9.17 10.78 -23.79
C GLN I 65 9.77 9.85 -24.84
N PHE I 66 10.07 8.63 -24.39
CA PHE I 66 10.55 7.58 -25.27
C PHE I 66 10.49 6.26 -24.52
N GLN I 67 10.68 5.18 -25.26
CA GLN I 67 10.62 3.83 -24.74
C GLN I 67 12.02 3.33 -24.37
N PHE I 68 12.07 2.50 -23.34
CA PHE I 68 13.31 1.83 -22.95
C PHE I 68 13.01 0.38 -22.62
N LYS I 69 13.91 -0.52 -23.01
CA LYS I 69 13.77 -1.94 -22.79
C LYS I 69 14.96 -2.46 -22.00
N ILE I 70 14.68 -3.28 -20.99
CA ILE I 70 15.69 -4.13 -20.36
C ILE I 70 15.43 -5.55 -20.84
N ASN I 71 16.41 -6.13 -21.52
CA ASN I 71 16.20 -7.39 -22.20
C ASN I 71 16.30 -8.58 -21.25
N LYS I 72 15.52 -9.61 -21.57
CA LYS I 72 15.66 -10.90 -20.91
C LYS I 72 17.12 -11.33 -20.88
N GLN I 73 17.55 -11.87 -19.75
CA GLN I 73 18.92 -12.36 -19.60
C GLN I 73 19.10 -13.63 -20.43
N THR I 74 20.04 -13.57 -21.38
CA THR I 74 20.38 -14.71 -22.22
C THR I 74 21.84 -15.10 -22.10
N THR I 75 22.62 -14.37 -21.32
CA THR I 75 24.03 -14.66 -21.08
C THR I 75 24.23 -15.05 -19.62
N SER I 76 25.27 -15.85 -19.38
CA SER I 76 25.66 -16.24 -18.03
C SER I 76 24.42 -16.62 -17.21
N VAL I 77 23.56 -17.44 -17.81
CA VAL I 77 22.26 -17.73 -17.21
C VAL I 77 22.43 -18.40 -15.85
N GLY I 78 21.50 -18.13 -14.95
CA GLY I 78 21.57 -18.61 -13.59
C GLY I 78 22.39 -17.75 -12.66
N ASN I 79 23.11 -16.76 -13.18
CA ASN I 79 23.97 -15.90 -12.38
C ASN I 79 23.42 -14.49 -12.35
N LEU I 80 23.81 -13.75 -11.31
CA LEU I 80 23.47 -12.34 -11.18
C LEU I 80 24.45 -11.51 -12.01
N ILE I 81 23.92 -10.73 -12.96
CA ILE I 81 24.71 -9.80 -13.74
C ILE I 81 23.98 -8.47 -13.79
N PHE I 82 24.74 -7.41 -14.06
CA PHE I 82 24.20 -6.06 -14.13
C PHE I 82 24.62 -5.41 -15.44
N ASN I 83 23.76 -4.51 -15.93
CA ASN I 83 24.09 -3.61 -17.02
C ASN I 83 23.57 -2.24 -16.67
N ALA I 84 23.91 -1.26 -17.51
CA ALA I 84 23.56 0.13 -17.22
C ALA I 84 23.46 0.93 -18.50
N ASP I 85 22.79 2.08 -18.39
CA ASP I 85 22.64 3.02 -19.50
C ASP I 85 22.55 4.41 -18.90
N TYR I 86 22.45 5.42 -19.76
CA TYR I 86 22.49 6.79 -19.28
C TYR I 86 21.68 7.70 -20.19
N ILE I 87 21.39 8.89 -19.67
CA ILE I 87 20.67 9.93 -20.38
C ILE I 87 21.42 11.25 -20.18
N THR I 88 21.48 12.05 -21.24
CA THR I 88 21.94 13.43 -21.16
C THR I 88 20.83 14.34 -21.66
N PHE I 89 21.05 15.64 -21.50
CA PHE I 89 20.00 16.63 -21.73
C PHE I 89 20.52 17.74 -22.63
N ALA I 90 19.83 18.00 -23.72
CA ALA I 90 20.10 19.15 -24.57
C ALA I 90 18.78 19.80 -24.95
N LEU I 91 18.73 21.12 -24.85
CA LEU I 91 17.52 21.86 -25.17
C LEU I 91 16.97 21.47 -26.53
N ASP I 92 17.86 21.26 -27.51
CA ASP I 92 17.42 20.88 -28.85
C ASP I 92 16.67 19.56 -28.85
N ASP I 93 17.08 18.61 -27.99
CA ASP I 93 16.36 17.34 -27.91
C ASP I 93 14.89 17.55 -27.63
N PHE I 94 14.57 18.56 -26.82
CA PHE I 94 13.19 18.82 -26.43
C PHE I 94 12.46 19.71 -27.43
N LEU I 95 13.16 20.66 -28.06
CA LEU I 95 12.51 21.49 -29.06
C LEU I 95 12.21 20.71 -30.34
N GLN I 96 13.01 19.69 -30.65
CA GLN I 96 12.73 18.87 -31.82
C GLN I 96 11.50 17.99 -31.62
N ALA I 97 11.11 17.71 -30.38
CA ALA I 97 9.99 16.82 -30.12
C ALA I 97 8.72 17.37 -30.76
N VAL I 98 7.90 16.46 -31.29
CA VAL I 98 6.78 16.86 -32.14
C VAL I 98 5.90 17.93 -31.49
N PRO I 99 5.39 17.75 -30.27
CA PRO I 99 4.41 18.70 -29.73
C PRO I 99 4.99 20.00 -29.21
N ASN I 100 6.31 20.18 -29.20
CA ASN I 100 6.91 21.36 -28.60
C ASN I 100 7.18 22.42 -29.65
N PRO I 101 7.33 23.68 -29.24
CA PRO I 101 7.80 24.70 -30.18
C PRO I 101 9.23 24.40 -30.61
N HIS I 102 9.45 24.39 -31.93
CA HIS I 102 10.72 23.94 -32.47
C HIS I 102 11.76 25.05 -32.53
N THR I 103 11.33 26.30 -32.41
CA THR I 103 12.24 27.42 -32.20
C THR I 103 11.67 28.31 -31.10
N LEU I 104 12.56 28.95 -30.36
CA LEU I 104 12.17 29.89 -29.32
C LEU I 104 12.80 31.25 -29.60
N ASN I 105 12.01 32.29 -29.40
CA ASN I 105 12.46 33.67 -29.65
C ASN I 105 13.05 34.28 -28.38
N PHE I 106 14.13 33.67 -27.92
CA PHE I 106 14.92 34.19 -26.80
C PHE I 106 16.39 34.19 -27.21
N GLU I 107 17.17 35.05 -26.55
CA GLU I 107 18.58 35.19 -26.88
C GLU I 107 19.47 34.21 -26.13
N ASP I 108 19.18 33.94 -24.86
CA ASP I 108 20.01 33.06 -24.05
C ASP I 108 19.13 32.12 -23.26
N TYR I 109 19.74 31.04 -22.77
CA TYR I 109 19.06 30.09 -21.91
C TYR I 109 20.03 29.49 -20.92
N ARG I 110 19.49 28.88 -19.87
CA ARG I 110 20.26 28.05 -18.96
C ARG I 110 19.32 27.03 -18.33
N ILE I 111 19.80 25.80 -18.21
CA ILE I 111 19.01 24.72 -17.62
C ILE I 111 19.26 24.70 -16.12
N LYS I 112 18.20 24.95 -15.35
CA LYS I 112 18.32 24.99 -13.90
C LYS I 112 18.08 23.64 -13.25
N LEU I 113 17.30 22.77 -13.88
CA LEU I 113 16.89 21.52 -13.24
C LEU I 113 16.39 20.57 -14.30
N ALA I 114 16.69 19.29 -14.12
CA ALA I 114 16.21 18.24 -15.02
C ALA I 114 15.64 17.10 -14.19
N LYS I 115 14.75 16.34 -14.82
CA LYS I 115 14.03 15.26 -14.16
C LYS I 115 13.98 14.07 -15.11
N MET I 116 14.26 12.88 -14.58
CA MET I 116 14.07 11.65 -15.31
C MET I 116 13.09 10.77 -14.55
N GLU I 117 12.05 10.32 -15.25
CA GLU I 117 11.10 9.37 -14.68
C GLU I 117 10.91 8.23 -15.66
N MET I 118 11.18 7.00 -15.20
CA MET I 118 11.04 5.81 -16.01
C MET I 118 10.11 4.85 -15.27
N ARG I 119 9.03 4.44 -15.92
CA ARG I 119 8.08 3.54 -15.30
C ARG I 119 7.76 2.39 -16.23
N PRO I 120 7.49 1.20 -15.69
CA PRO I 120 7.27 0.04 -16.54
C PRO I 120 5.93 0.10 -17.27
N THR I 121 5.88 -0.58 -18.40
CA THR I 121 4.65 -0.73 -19.17
C THR I 121 4.62 -2.16 -19.72
N GLY I 122 3.82 -2.37 -20.76
CA GLY I 122 3.74 -3.69 -21.36
C GLY I 122 3.09 -4.75 -20.51
N GLY I 123 2.34 -4.35 -19.49
CA GLY I 123 1.67 -5.30 -18.63
C GLY I 123 2.52 -5.87 -17.52
N HIS I 124 3.73 -5.36 -17.32
CA HIS I 124 4.59 -5.88 -16.27
C HIS I 124 3.98 -5.63 -14.90
N TYR I 125 4.03 -6.65 -14.04
CA TYR I 125 3.44 -6.56 -12.71
C TYR I 125 4.37 -5.84 -11.76
N THR I 126 3.85 -4.81 -11.08
CA THR I 126 4.65 -4.08 -10.10
C THR I 126 4.99 -4.96 -8.90
N VAL I 127 4.15 -5.96 -8.60
CA VAL I 127 4.36 -6.82 -7.44
C VAL I 127 5.28 -7.97 -7.81
N GLN I 128 5.83 -7.95 -9.02
CA GLN I 128 6.71 -8.99 -9.51
C GLN I 128 8.16 -8.55 -9.31
N SER I 129 8.82 -9.10 -8.29
CA SER I 129 10.15 -8.66 -7.92
C SER I 129 11.17 -9.04 -8.97
N ASP I 130 11.99 -8.07 -9.39
CA ASP I 130 13.12 -8.32 -10.27
C ASP I 130 14.36 -7.59 -9.76
N GLY I 131 14.51 -7.52 -8.44
CA GLY I 131 15.69 -6.94 -7.85
C GLY I 131 15.69 -5.42 -7.92
N PHE I 132 16.86 -4.86 -7.65
CA PHE I 132 17.03 -3.41 -7.63
C PHE I 132 18.37 -3.05 -8.24
N GLY I 133 18.40 -1.90 -8.90
CA GLY I 133 19.62 -1.33 -9.41
C GLY I 133 19.87 0.01 -8.75
N HIS I 134 20.60 0.90 -9.41
CA HIS I 134 20.86 2.22 -8.85
C HIS I 134 20.81 3.28 -9.94
N THR I 135 20.52 4.50 -9.51
CA THR I 135 20.72 5.68 -10.33
C THR I 135 21.89 6.46 -9.77
N ALA I 136 22.61 7.15 -10.65
CA ALA I 136 23.72 7.99 -10.24
C ALA I 136 23.75 9.23 -11.11
N VAL I 137 24.05 10.36 -10.50
CA VAL I 137 24.21 11.62 -11.22
C VAL I 137 25.68 11.74 -11.60
N ILE I 138 25.94 11.73 -12.91
CA ILE I 138 27.29 11.80 -13.46
C ILE I 138 27.31 12.99 -14.39
N GLN I 139 27.97 14.07 -13.96
CA GLN I 139 27.86 15.37 -14.61
C GLN I 139 29.06 15.68 -15.49
N ASP I 140 29.57 14.68 -16.20
CA ASP I 140 30.63 14.88 -17.18
C ASP I 140 30.58 13.72 -18.18
N SER I 141 31.38 13.85 -19.24
CA SER I 141 31.30 12.91 -20.35
C SER I 141 31.83 11.53 -20.02
N ARG I 142 32.39 11.32 -18.83
CA ARG I 142 32.72 9.96 -18.40
C ARG I 142 31.48 9.08 -18.39
N ILE I 143 30.29 9.68 -18.34
CA ILE I 143 29.06 8.90 -18.29
C ILE I 143 28.97 7.94 -19.47
N THR I 144 29.59 8.27 -20.60
CA THR I 144 29.46 7.43 -21.79
C THR I 144 29.97 6.02 -21.54
N ARG I 145 30.94 5.87 -20.64
CA ARG I 145 31.44 4.55 -20.31
C ARG I 145 30.41 3.69 -19.60
N PHE I 146 29.34 4.29 -19.07
CA PHE I 146 28.39 3.56 -18.25
C PHE I 146 27.15 3.12 -19.03
N LYS I 147 27.17 3.23 -20.35
CA LYS I 147 26.37 2.35 -21.19
C LYS I 147 27.23 1.10 -21.40
N THR I 148 26.95 0.06 -20.63
CA THR I 148 27.83 -1.10 -20.59
C THR I 148 27.74 -1.89 -21.89
N THR I 149 28.89 -2.36 -22.36
CA THR I 149 28.98 -3.21 -23.53
C THR I 149 29.31 -4.65 -23.19
N ALA I 150 29.55 -4.95 -21.91
CA ALA I 150 29.71 -6.31 -21.44
C ALA I 150 28.98 -6.44 -20.10
N ASP I 151 28.58 -7.67 -19.78
CA ASP I 151 27.89 -7.91 -18.52
C ASP I 151 28.81 -7.61 -17.35
N GLN I 152 28.27 -6.93 -16.34
CA GLN I 152 28.98 -6.64 -15.10
C GLN I 152 28.61 -7.65 -14.04
N THR I 153 29.60 -8.10 -13.28
CA THR I 153 29.35 -9.02 -12.17
C THR I 153 29.01 -8.28 -10.88
N GLN I 154 29.13 -6.96 -10.85
CA GLN I 154 28.65 -6.13 -9.76
C GLN I 154 27.84 -4.98 -10.34
N ASP I 155 27.08 -4.33 -9.46
CA ASP I 155 26.33 -3.15 -9.87
C ASP I 155 27.31 -2.03 -10.21
N PRO I 156 27.41 -1.59 -11.47
CA PRO I 156 28.48 -0.65 -11.82
C PRO I 156 28.28 0.76 -11.30
N LEU I 157 27.09 1.10 -10.80
CA LEU I 157 26.82 2.45 -10.32
C LEU I 157 26.66 2.56 -8.81
N ALA I 158 26.42 1.45 -8.11
CA ALA I 158 26.16 1.48 -6.68
C ALA I 158 27.26 2.19 -5.89
N PRO I 159 28.54 2.09 -6.30
CA PRO I 159 29.59 2.73 -5.49
C PRO I 159 29.55 4.26 -5.52
N PHE I 160 28.90 4.87 -6.51
CA PHE I 160 28.90 6.32 -6.61
C PHE I 160 28.33 6.96 -5.35
N ASP I 161 29.03 7.98 -4.84
CA ASP I 161 28.40 8.94 -3.96
C ASP I 161 27.17 9.51 -4.65
N GLY I 162 26.05 9.53 -3.93
CA GLY I 162 24.79 9.92 -4.51
C GLY I 162 23.99 8.79 -5.14
N ALA I 163 24.57 7.60 -5.25
CA ALA I 163 23.84 6.47 -5.82
C ALA I 163 22.61 6.16 -4.99
N LYS I 164 21.47 6.01 -5.67
CA LYS I 164 20.20 5.71 -5.04
C LYS I 164 19.62 4.46 -5.69
N LYS I 165 19.19 3.50 -4.88
CA LYS I 165 18.69 2.27 -5.46
C LYS I 165 17.28 2.49 -6.01
N TRP I 166 16.92 1.66 -6.98
CA TRP I 166 15.57 1.65 -7.52
C TRP I 166 15.20 0.22 -7.87
N PHE I 167 13.93 -0.10 -7.70
CA PHE I 167 13.44 -1.45 -7.95
C PHE I 167 13.04 -1.59 -9.41
N VAL I 168 13.56 -2.64 -10.06
CA VAL I 168 13.37 -2.85 -11.49
C VAL I 168 11.88 -2.83 -11.85
N SER I 169 11.03 -3.32 -10.96
CA SER I 169 9.62 -3.48 -11.28
C SER I 169 8.80 -2.21 -11.07
N ARG I 170 9.37 -1.18 -10.46
CA ARG I 170 8.63 0.06 -10.22
C ARG I 170 9.18 1.25 -10.99
N GLY I 171 10.40 1.16 -11.52
CA GLY I 171 11.01 2.30 -12.15
C GLY I 171 11.58 3.25 -11.12
N PHE I 172 11.81 4.49 -11.55
CA PHE I 172 12.38 5.48 -10.65
C PHE I 172 12.05 6.87 -11.14
N LYS I 173 12.31 7.83 -10.26
CA LYS I 173 12.15 9.26 -10.53
C LYS I 173 13.30 9.97 -9.86
N ARG I 174 14.04 10.79 -10.60
CA ARG I 174 15.15 11.50 -10.01
C ARG I 174 15.31 12.87 -10.64
N LEU I 175 15.59 13.86 -9.81
CA LEU I 175 15.91 15.21 -10.23
C LEU I 175 17.40 15.46 -10.07
N LEU I 176 17.93 16.37 -10.89
CA LEU I 176 19.35 16.65 -10.89
C LEU I 176 19.58 18.01 -11.53
N ARG I 177 20.78 18.53 -11.32
CA ARG I 177 21.21 19.76 -11.97
C ARG I 177 22.25 19.43 -13.04
N PRO I 178 21.85 19.31 -14.30
CA PRO I 178 22.80 18.86 -15.33
C PRO I 178 23.72 19.99 -15.77
N LYS I 179 24.93 19.61 -16.17
CA LYS I 179 26.03 20.55 -16.32
C LYS I 179 26.52 20.59 -17.77
N PRO I 180 26.64 21.77 -18.37
CA PRO I 180 27.37 21.89 -19.64
C PRO I 180 28.87 21.90 -19.39
N GLN I 181 29.62 21.51 -20.41
CA GLN I 181 31.05 21.28 -20.27
C GLN I 181 31.83 22.38 -20.98
N ILE I 182 32.58 23.15 -20.20
CA ILE I 182 33.42 24.22 -20.71
C ILE I 182 34.77 23.65 -21.12
N THR I 183 35.33 24.14 -22.21
CA THR I 183 36.53 23.57 -22.80
C THR I 183 37.79 24.15 -22.16
N ILE I 184 38.73 23.26 -21.84
CA ILE I 184 40.10 23.63 -21.49
C ILE I 184 41.03 22.91 -22.47
N GLU I 185 41.91 23.68 -23.12
CA GLU I 185 42.83 23.11 -24.10
C GLU I 185 44.28 23.12 -23.64
N ASP I 186 44.59 23.72 -22.49
CA ASP I 186 45.96 23.82 -22.01
C ASP I 186 46.20 22.66 -21.05
N LEU I 187 46.68 21.55 -21.58
CA LEU I 187 46.98 20.35 -20.82
C LEU I 187 48.46 20.03 -20.92
N THR I 188 48.95 19.18 -20.01
CA THR I 188 50.35 18.77 -20.04
C THR I 188 50.66 17.89 -21.24
N THR I 189 49.64 17.36 -21.92
CA THR I 189 49.82 16.59 -23.15
C THR I 189 49.30 17.41 -24.31
N ALA I 190 50.07 17.45 -25.40
CA ALA I 190 49.73 18.28 -26.54
C ALA I 190 48.51 17.71 -27.27
N ASN I 191 47.74 18.62 -27.89
CA ASN I 191 46.63 18.25 -28.76
C ASN I 191 45.58 17.45 -28.01
N GLN I 192 45.40 17.73 -26.73
CA GLN I 192 44.32 17.16 -25.95
C GLN I 192 43.60 18.29 -25.23
N SER I 193 42.34 18.04 -24.89
CA SER I 193 41.51 19.00 -24.20
C SER I 193 40.77 18.30 -23.08
N ALA I 194 40.24 19.09 -22.15
CA ALA I 194 39.50 18.57 -21.02
C ALA I 194 38.31 19.50 -20.75
N ALA I 195 37.61 19.27 -19.65
CA ALA I 195 36.36 19.95 -19.37
C ALA I 195 36.37 20.55 -17.97
N LEU I 196 35.53 21.57 -17.82
CA LEU I 196 35.24 22.20 -16.54
C LEU I 196 33.76 22.56 -16.55
N TRP I 197 33.10 22.45 -15.40
CA TRP I 197 31.73 22.92 -15.30
C TRP I 197 31.54 23.76 -14.05
N LEU I 198 30.51 24.61 -14.10
CA LEU I 198 30.27 25.62 -13.10
C LEU I 198 29.32 25.11 -12.03
N ASN I 199 29.60 25.46 -10.78
CA ASN I 199 28.82 24.92 -9.66
C ASN I 199 27.38 25.41 -9.72
N SER I 200 27.16 26.66 -10.07
CA SER I 200 25.83 27.28 -10.05
C SER I 200 25.36 27.61 -11.46
N ALA I 201 24.08 27.34 -11.72
CA ALA I 201 23.49 27.70 -13.00
C ALA I 201 23.42 29.21 -13.17
N ARG I 202 23.32 29.96 -12.07
CA ARG I 202 23.24 31.41 -12.14
C ARG I 202 24.52 32.06 -12.63
N THR I 203 25.62 31.31 -12.74
CA THR I 203 26.90 31.91 -13.08
C THR I 203 26.97 32.31 -14.54
N GLY I 204 26.29 31.59 -15.44
CA GLY I 204 26.46 31.79 -16.86
C GLY I 204 25.15 31.73 -17.63
N TRP I 205 25.27 32.04 -18.92
CA TRP I 205 24.17 31.98 -19.88
C TRP I 205 24.70 31.39 -21.17
N ILE I 206 23.89 30.59 -21.84
CA ILE I 206 24.24 30.01 -23.13
C ILE I 206 23.39 30.71 -24.20
N PRO I 207 23.98 31.48 -25.10
CA PRO I 207 23.19 32.06 -26.20
C PRO I 207 22.71 30.98 -27.16
N LEU I 208 21.43 31.04 -27.51
CA LEU I 208 20.84 30.01 -28.36
C LEU I 208 21.54 29.91 -29.71
N GLN I 209 21.92 31.05 -30.29
CA GLN I 209 22.52 31.09 -31.61
C GLN I 209 23.95 31.58 -31.57
N GLY I 210 24.60 31.51 -30.41
CA GLY I 210 25.99 31.93 -30.31
C GLY I 210 26.94 30.86 -30.83
N GLY I 211 28.16 31.29 -31.11
CA GLY I 211 29.17 30.40 -31.61
C GLY I 211 29.16 30.30 -33.13
N PRO I 212 30.19 29.68 -33.70
CA PRO I 212 30.32 29.66 -35.17
C PRO I 212 29.30 28.78 -35.86
N ASN I 213 28.56 27.94 -35.13
CA ASN I 213 27.55 27.07 -35.72
C ASN I 213 26.14 27.45 -35.33
N SER I 214 25.96 28.52 -34.56
CA SER I 214 24.64 28.91 -34.07
C SER I 214 23.93 27.74 -33.42
N ALA I 215 24.70 26.85 -32.78
CA ALA I 215 24.21 25.60 -32.23
C ALA I 215 24.12 25.64 -30.71
N GLY I 216 23.74 26.80 -30.16
CA GLY I 216 23.68 26.95 -28.72
C GLY I 216 22.75 25.95 -28.05
N THR I 217 21.62 25.64 -28.70
CA THR I 217 20.64 24.72 -28.11
C THR I 217 21.12 23.28 -28.08
N LYS I 218 22.26 22.97 -28.69
CA LYS I 218 22.75 21.60 -28.75
C LYS I 218 23.80 21.30 -27.69
N VAL I 219 24.07 22.23 -26.77
CA VAL I 219 25.01 21.96 -25.70
C VAL I 219 24.51 20.78 -24.88
N ARG I 220 25.38 19.82 -24.66
CA ARG I 220 25.03 18.61 -23.94
C ARG I 220 25.24 18.81 -22.44
N HIS I 221 24.18 18.63 -21.66
CA HIS I 221 24.24 18.74 -20.21
C HIS I 221 24.24 17.34 -19.60
N TYR I 222 25.18 17.09 -18.69
CA TYR I 222 25.33 15.79 -18.03
C TYR I 222 24.86 15.85 -16.58
N GLY I 223 24.24 14.81 -16.04
CA GLY I 223 23.80 13.61 -16.75
C GLY I 223 23.32 12.63 -15.68
N ILE I 224 22.54 11.62 -16.08
CA ILE I 224 22.05 10.61 -15.14
C ILE I 224 22.22 9.24 -15.76
N ALA I 225 22.75 8.29 -14.99
CA ALA I 225 22.90 6.91 -15.40
C ALA I 225 22.11 6.01 -14.47
N PHE I 226 21.66 4.87 -15.00
CA PHE I 226 20.92 3.90 -14.22
C PHE I 226 21.39 2.50 -14.55
N SER I 227 21.52 1.68 -13.51
CA SER I 227 21.97 0.30 -13.61
C SER I 227 20.83 -0.63 -13.20
N PHE I 228 20.95 -1.89 -13.61
CA PHE I 228 19.91 -2.86 -13.31
C PHE I 228 20.47 -4.27 -13.31
N PRO I 229 20.01 -5.13 -12.40
CA PRO I 229 20.29 -6.56 -12.55
C PRO I 229 19.46 -7.14 -13.68
N GLN I 230 20.06 -8.00 -14.48
CA GLN I 230 19.40 -8.48 -15.68
C GLN I 230 18.21 -9.36 -15.29
N PRO I 231 17.00 -9.08 -15.78
CA PRO I 231 15.82 -9.84 -15.38
C PRO I 231 15.62 -11.11 -16.19
N GLU I 232 14.76 -11.98 -15.67
CA GLU I 232 14.43 -13.24 -16.33
C GLU I 232 13.56 -13.03 -17.56
N GLN I 233 12.80 -11.94 -17.64
CA GLN I 233 11.99 -11.65 -18.80
C GLN I 233 12.13 -10.17 -19.16
N THR I 234 11.96 -9.88 -20.44
CA THR I 234 12.09 -8.52 -20.93
C THR I 234 11.09 -7.59 -20.24
N ILE I 235 11.52 -6.36 -19.97
CA ILE I 235 10.68 -5.34 -19.37
C ILE I 235 10.77 -4.07 -20.21
N THR I 236 9.62 -3.54 -20.60
CA THR I 236 9.54 -2.29 -21.33
C THR I 236 9.11 -1.17 -20.40
N TYR I 237 9.61 0.04 -20.65
CA TYR I 237 9.35 1.20 -19.82
C TYR I 237 8.96 2.39 -20.67
N VAL I 238 8.18 3.30 -20.07
CA VAL I 238 7.98 4.64 -20.60
C VAL I 238 8.87 5.58 -19.81
N THR I 239 9.64 6.40 -20.52
CA THR I 239 10.55 7.37 -19.91
C THR I 239 10.09 8.77 -20.25
N LYS I 240 9.94 9.61 -19.22
CA LYS I 240 9.61 11.02 -19.41
C LYS I 240 10.75 11.86 -18.84
N LEU I 241 11.31 12.73 -19.67
CA LEU I 241 12.31 13.69 -19.24
C LEU I 241 11.67 15.07 -19.19
N THR I 242 12.08 15.86 -18.19
CA THR I 242 11.58 17.22 -18.04
C THR I 242 12.75 18.15 -17.82
N LEU I 243 12.72 19.30 -18.50
CA LEU I 243 13.66 20.38 -18.29
C LEU I 243 12.95 21.56 -17.66
N TYR I 244 13.65 22.26 -16.76
CA TYR I 244 13.21 23.55 -16.24
C TYR I 244 14.25 24.57 -16.68
N VAL I 245 13.88 25.37 -17.68
CA VAL I 245 14.82 26.20 -18.40
C VAL I 245 14.44 27.66 -18.21
N GLN I 246 15.43 28.47 -17.83
CA GLN I 246 15.28 29.92 -17.85
C GLN I 246 15.80 30.47 -19.16
N PHE I 247 15.05 31.39 -19.75
CA PHE I 247 15.44 32.06 -20.98
C PHE I 247 15.59 33.55 -20.71
N ARG I 248 16.56 34.16 -21.37
CA ARG I 248 16.88 35.57 -21.19
C ARG I 248 16.65 36.31 -22.49
N GLN I 249 15.94 37.44 -22.40
CA GLN I 249 15.82 38.39 -23.49
C GLN I 249 14.98 37.86 -24.66
N PHE I 250 13.69 38.18 -24.65
CA PHE I 250 12.86 37.97 -25.82
C PHE I 250 13.49 38.66 -27.02
N ALA I 251 13.47 37.98 -28.17
CA ALA I 251 14.26 38.41 -29.30
C ALA I 251 13.49 38.26 -30.61
N PRO I 252 13.79 39.11 -31.60
CA PRO I 252 13.15 38.96 -32.91
C PRO I 252 13.69 37.77 -33.67
N ASN I 253 13.03 37.49 -34.79
CA ASN I 253 13.61 36.58 -35.78
C ASN I 253 14.88 37.21 -36.37
N ASN I 254 15.73 36.36 -36.93
CA ASN I 254 16.87 36.88 -37.64
C ASN I 254 16.40 37.75 -38.80
N PRO I 255 17.15 38.79 -39.16
CA PRO I 255 16.73 39.64 -40.28
C PRO I 255 16.52 38.84 -41.55
N SER I 256 15.58 39.32 -42.37
CA SER I 256 15.39 38.74 -43.69
C SER I 256 16.59 39.06 -44.58
N THR I 257 16.87 38.16 -45.52
CA THR I 257 18.04 38.31 -46.38
C THR I 257 17.65 38.37 -47.85
P PO4 K . -37.49 5.34 40.04
O1 PO4 K . -37.74 5.68 41.49
O2 PO4 K . -36.74 4.02 39.97
O3 PO4 K . -36.65 6.41 39.39
O4 PO4 K . -38.80 5.23 39.31
P PO4 L . 16.17 -10.92 51.54
O1 PO4 L . 16.21 -11.25 53.01
O2 PO4 L . 17.49 -10.31 51.12
O3 PO4 L . 15.06 -9.95 51.27
O4 PO4 L . 15.93 -12.17 50.75
P PO4 M . -35.97 41.48 -4.19
O1 PO4 M . -34.52 41.83 -4.35
O2 PO4 M . -36.16 40.59 -2.98
O3 PO4 M . -36.79 42.74 -4.02
O4 PO4 M . -36.42 40.74 -5.42
P PO4 N . 50.98 15.35 14.29
O1 PO4 N . 52.10 16.31 14.62
O2 PO4 N . 51.38 13.96 14.70
O3 PO4 N . 49.74 15.75 15.05
O4 PO4 N . 50.70 15.40 12.81
P PO4 O . 18.72 47.66 -20.25
O1 PO4 O . 18.88 47.16 -18.84
O2 PO4 O . 20.00 47.40 -21.01
O3 PO4 O . 18.42 49.14 -20.24
O4 PO4 O . 17.58 46.93 -20.90
#